data_2OK6
#
_entry.id   2OK6
#
_cell.length_a   70.338
_cell.length_b   89.266
_cell.length_c   80.494
_cell.angle_alpha   90.00
_cell.angle_beta   90.59
_cell.angle_gamma   90.00
#
_symmetry.space_group_name_H-M   'P 1 21 1'
#
loop_
_entity.id
_entity.type
_entity.pdbx_description
1 polymer 'Aromatic amine dehydrogenase, small subunit'
2 polymer 'Aromatic amine dehydrogenase, large subunit'
3 non-polymer 'BENZOIC ACID'
4 water water
#
loop_
_entity_poly.entity_id
_entity_poly.type
_entity_poly.pdbx_seq_one_letter_code
_entity_poly.pdbx_strand_id
1 'polypeptide(L)'
;AGGGGSSSGADHISLNPDLANEDEVNSCDYWRHCAVDGFLCSCCGGTTTTCPPGSTPSPIS(TQQ)IGTCHNPHDGKDYL
ISYHDCCGKTACGRCQCNTQTRERPGYEFFLHNDVNWCMANENSTFHCTTSVLVGLAKN
;
D,H
2 'polypeptide(L)'
;REVLTGGHSVSAPQENRIYVMDSVFMHLTESRVHVYDYTNGKFLGMVPTAFNGHVQVSNDGKKIYTMTTYHERITRGKRS
DVVEVWDADKLTFEKEISLPPKRVQGLNYDGLFRQTTDGKFIVLQNASPATSIGIVDVAKGDYVEDVTAAAGCWSVIPQP
NRPRSFMTICGDGGLLTINLGEDGKVASQSRSKQMFSVKDDPIFIAPALDKDKAHFVSYYGNVYSADFSGDEVKVDGPWS
LLNDEDKAKNWVPGGYNLVGLHRASGRMYVFMHPDGKEGTHKFPAAEIWVMDTKTKQRVARIPGRDALSMTIDQQRNLML
TLDGGNVNVYDISQPEPKLLRTIEGAAEASLQVQFHPVGGT
;
A,B
#
# COMPACT_ATOMS: atom_id res chain seq x y z
CA GLU A 24 19.82 14.56 14.93
C GLU A 24 18.57 13.84 15.44
N VAL A 25 17.49 14.60 15.65
CA VAL A 25 16.22 14.02 16.13
C VAL A 25 15.57 13.12 15.07
N ASN A 26 15.99 13.22 13.80
CA ASN A 26 15.41 12.38 12.74
C ASN A 26 16.08 11.03 12.54
N SER A 27 17.03 10.70 13.42
CA SER A 27 17.76 9.45 13.37
C SER A 27 17.20 8.51 14.43
N CYS A 28 17.09 7.24 14.07
CA CYS A 28 16.67 6.21 15.02
C CYS A 28 17.59 6.10 16.20
N ASP A 29 18.83 6.55 16.04
CA ASP A 29 19.86 6.53 17.12
C ASP A 29 19.72 7.66 18.14
N TYR A 30 18.86 8.63 17.89
CA TYR A 30 18.68 9.71 18.84
C TYR A 30 18.21 9.13 20.14
N TRP A 31 18.76 9.61 21.26
CA TRP A 31 18.57 8.90 22.50
C TRP A 31 17.12 8.76 22.96
N ARG A 32 16.27 9.73 22.65
CA ARG A 32 14.87 9.68 23.10
C ARG A 32 14.04 8.65 22.37
N HIS A 33 14.56 8.13 21.26
CA HIS A 33 13.79 7.19 20.41
C HIS A 33 14.12 5.74 20.72
N CYS A 34 14.51 5.46 21.96
CA CYS A 34 15.10 4.18 22.28
C CYS A 34 14.08 3.01 22.31
N ALA A 35 12.79 3.31 22.25
CA ALA A 35 11.79 2.24 22.16
C ALA A 35 10.67 2.56 21.14
N VAL A 36 11.06 3.20 20.04
CA VAL A 36 10.14 3.49 18.94
C VAL A 36 10.02 2.33 17.98
N ASP A 37 8.77 1.92 17.72
CA ASP A 37 8.43 0.99 16.63
C ASP A 37 7.44 1.76 15.76
N GLY A 38 7.94 2.48 14.76
CA GLY A 38 7.06 3.30 13.95
C GLY A 38 7.83 4.32 13.14
N PHE A 39 7.15 5.33 12.62
CA PHE A 39 7.78 6.39 11.84
C PHE A 39 7.98 7.61 12.71
N LEU A 40 9.18 8.21 12.71
CA LEU A 40 9.39 9.38 13.59
C LEU A 40 8.54 10.54 13.12
N CYS A 41 7.64 11.06 13.97
CA CYS A 41 6.82 12.17 13.52
C CYS A 41 7.59 13.40 13.09
N SER A 42 8.82 13.56 13.59
CA SER A 42 9.62 14.70 13.19
C SER A 42 10.04 14.68 11.73
N CYS A 43 9.97 13.50 11.09
CA CYS A 43 10.23 13.33 9.65
C CYS A 43 8.95 13.44 8.80
N CYS A 44 7.80 13.66 9.48
CA CYS A 44 6.48 13.52 8.87
C CYS A 44 5.72 14.83 8.86
N GLY A 45 6.42 15.94 9.08
CA GLY A 45 5.76 17.22 9.16
C GLY A 45 5.36 17.68 10.55
N GLY A 46 5.72 16.90 11.57
CA GLY A 46 5.53 17.34 12.94
C GLY A 46 6.87 17.49 13.62
N THR A 47 6.85 17.32 14.93
CA THR A 47 8.08 17.35 15.72
C THR A 47 8.03 16.21 16.74
N THR A 48 9.07 16.07 17.56
CA THR A 48 9.03 15.07 18.64
C THR A 48 7.86 15.18 19.59
N THR A 49 7.28 16.39 19.75
CA THR A 49 6.14 16.62 20.63
C THR A 49 4.90 17.26 19.95
N THR A 50 4.81 17.25 18.61
CA THR A 50 3.61 17.77 17.96
C THR A 50 3.26 16.89 16.76
N CYS A 51 1.97 16.65 16.57
CA CYS A 51 1.58 15.78 15.46
C CYS A 51 1.65 16.55 14.16
N PRO A 52 1.99 15.84 13.08
CA PRO A 52 1.79 16.46 11.78
C PRO A 52 0.39 17.00 11.57
N PRO A 53 0.23 18.05 10.79
CA PRO A 53 -1.08 18.61 10.56
C PRO A 53 -2.09 17.53 10.18
N GLY A 54 -3.25 17.57 10.84
CA GLY A 54 -4.37 16.74 10.48
C GLY A 54 -4.24 15.32 11.04
N SER A 55 -3.25 15.04 11.90
CA SER A 55 -3.16 13.79 12.62
C SER A 55 -3.39 14.04 14.08
N THR A 56 -4.03 13.09 14.75
CA THR A 56 -4.56 13.29 16.07
C THR A 56 -3.72 12.55 17.10
N PRO A 57 -3.33 13.23 18.20
CA PRO A 57 -2.62 12.51 19.24
C PRO A 57 -3.37 11.35 19.88
N SER A 58 -2.64 10.33 20.25
CA SER A 58 -3.24 9.27 21.03
C SER A 58 -3.24 9.66 22.50
N PRO A 59 -4.34 9.37 23.20
CA PRO A 59 -4.43 9.65 24.62
C PRO A 59 -3.57 8.70 25.46
N ILE A 60 -3.23 7.57 24.86
CA ILE A 60 -2.50 6.50 25.48
C ILE A 60 -1.16 6.28 24.74
N SER A 61 -0.27 5.50 25.32
CA SER A 61 1.03 5.29 24.74
C SER A 61 1.75 4.15 25.43
N ILE A 63 5.62 3.40 27.03
CA ILE A 63 6.64 4.21 27.70
C ILE A 63 7.98 3.55 27.54
N GLY A 64 9.00 4.32 27.21
CA GLY A 64 10.37 3.86 27.30
C GLY A 64 11.15 4.55 28.40
N THR A 65 12.19 3.88 28.85
CA THR A 65 13.16 4.45 29.77
C THR A 65 14.44 4.52 28.97
N CYS A 66 14.88 5.74 28.67
CA CYS A 66 16.01 5.94 27.76
C CYS A 66 17.14 6.70 28.42
N HIS A 67 18.34 6.32 28.06
CA HIS A 67 19.54 6.89 28.68
C HIS A 67 19.98 8.14 27.95
N ASN A 68 20.12 9.23 28.68
CA ASN A 68 20.56 10.49 28.13
C ASN A 68 22.09 10.46 28.14
N PRO A 69 22.72 10.52 26.96
CA PRO A 69 24.17 10.35 26.86
C PRO A 69 24.94 11.58 27.30
N HIS A 70 24.21 12.66 27.61
CA HIS A 70 24.83 13.93 28.02
C HIS A 70 24.99 14.00 29.51
N ASP A 71 23.88 13.83 30.23
CA ASP A 71 23.90 13.95 31.69
C ASP A 71 23.96 12.61 32.40
N GLY A 72 23.91 11.53 31.62
CA GLY A 72 24.07 10.19 32.14
C GLY A 72 22.89 9.68 32.95
N LYS A 73 21.77 10.41 32.93
CA LYS A 73 20.53 10.01 33.64
C LYS A 73 19.55 9.34 32.67
N ASP A 74 18.63 8.55 33.24
CA ASP A 74 17.60 7.86 32.46
C ASP A 74 16.30 8.60 32.57
N TYR A 75 15.58 8.72 31.46
CA TYR A 75 14.35 9.49 31.43
C TYR A 75 13.20 8.64 30.92
N LEU A 76 12.02 8.97 31.42
CA LEU A 76 10.79 8.37 30.91
C LEU A 76 10.36 9.12 29.66
N ILE A 77 10.17 8.35 28.58
CA ILE A 77 9.70 8.86 27.28
C ILE A 77 8.35 8.22 26.97
N SER A 78 7.37 9.05 26.62
CA SER A 78 6.02 8.56 26.34
C SER A 78 5.83 8.58 24.84
N TYR A 79 5.62 7.39 24.25
CA TYR A 79 5.50 7.27 22.79
C TYR A 79 4.04 7.32 22.40
N HIS A 80 3.50 8.52 22.47
CA HIS A 80 2.18 8.80 21.92
C HIS A 80 2.31 8.73 20.40
N ASP A 81 1.28 8.17 19.77
CA ASP A 81 1.19 8.19 18.34
C ASP A 81 0.38 9.39 17.84
N CYS A 82 0.53 9.67 16.56
CA CYS A 82 -0.34 10.54 15.82
C CYS A 82 -1.13 9.63 14.88
N CYS A 83 -2.42 9.91 14.80
CA CYS A 83 -3.38 8.94 14.26
C CYS A 83 -4.37 9.56 13.27
N GLY A 84 -5.07 8.69 12.52
CA GLY A 84 -6.14 9.20 11.64
C GLY A 84 -5.66 9.64 10.29
N LYS A 85 -4.42 9.31 9.96
CA LYS A 85 -3.89 9.41 8.60
C LYS A 85 -3.09 8.16 8.32
N THR A 86 -2.96 7.83 7.04
CA THR A 86 -2.24 6.64 6.64
C THR A 86 -0.74 6.78 6.87
N ALA A 87 -0.03 5.67 6.76
CA ALA A 87 1.35 5.57 7.21
C ALA A 87 2.23 6.66 6.65
N CYS A 88 2.94 7.39 7.55
CA CYS A 88 3.88 8.37 7.06
C CYS A 88 4.96 7.82 6.15
N GLY A 89 5.53 6.70 6.54
CA GLY A 89 6.50 6.00 5.66
C GLY A 89 7.95 6.49 5.75
N ARG A 90 8.22 7.52 6.53
CA ARG A 90 9.54 8.11 6.64
C ARG A 90 10.13 7.84 8.02
N CYS A 91 11.44 7.65 8.07
CA CYS A 91 12.15 7.45 9.33
C CYS A 91 11.52 6.32 10.12
N GLN A 92 11.35 5.17 9.49
CA GLN A 92 10.94 4.00 10.24
C GLN A 92 12.04 3.54 11.20
N CYS A 93 11.66 3.35 12.46
CA CYS A 93 12.57 2.88 13.51
C CYS A 93 11.96 1.66 14.17
N ASN A 94 12.82 0.81 14.73
CA ASN A 94 12.35 -0.35 15.47
C ASN A 94 13.29 -0.63 16.62
N THR A 95 13.38 0.33 17.53
CA THR A 95 14.32 0.23 18.67
C THR A 95 13.56 -0.35 19.87
N GLN A 96 14.28 -1.04 20.76
CA GLN A 96 13.62 -1.91 21.72
C GLN A 96 14.22 -1.83 23.11
N THR A 97 14.87 -0.73 23.45
CA THR A 97 15.54 -0.62 24.75
C THR A 97 14.45 -0.67 25.82
N ARG A 98 14.55 -1.65 26.71
CA ARG A 98 13.67 -1.81 27.88
C ARG A 98 12.23 -2.15 27.48
N GLU A 99 12.03 -2.50 26.21
CA GLU A 99 10.70 -2.88 25.71
C GLU A 99 10.34 -4.27 26.18
N ARG A 100 9.07 -4.43 26.57
CA ARG A 100 8.60 -5.71 27.05
C ARG A 100 7.32 -6.18 26.36
N PRO A 101 7.02 -7.47 26.43
CA PRO A 101 5.84 -8.00 25.74
C PRO A 101 4.50 -7.53 26.30
N GLY A 102 3.43 -7.95 25.65
CA GLY A 102 2.10 -7.36 25.91
C GLY A 102 1.52 -7.64 27.29
N TYR A 103 2.13 -8.57 28.02
CA TYR A 103 1.75 -8.81 29.42
C TYR A 103 2.31 -7.72 30.36
N GLU A 104 3.14 -6.82 29.84
CA GLU A 104 3.52 -5.57 30.49
C GLU A 104 3.11 -4.50 29.48
N PHE A 105 1.81 -4.27 29.40
CA PHE A 105 1.25 -3.71 28.16
C PHE A 105 1.79 -2.35 27.81
N PHE A 106 1.95 -1.48 28.81
CA PHE A 106 2.36 -0.13 28.53
C PHE A 106 3.86 0.04 28.34
N LEU A 107 4.57 -1.08 28.36
CA LEU A 107 5.99 -1.11 27.98
C LEU A 107 6.19 -1.71 26.60
N HIS A 108 5.10 -2.01 25.89
CA HIS A 108 5.11 -2.89 24.73
C HIS A 108 4.89 -2.10 23.44
N ASN A 109 5.70 -2.35 22.40
CA ASN A 109 5.63 -1.52 21.19
C ASN A 109 5.26 -2.25 19.88
N ASP A 110 4.80 -3.49 19.99
CA ASP A 110 4.33 -4.22 18.81
C ASP A 110 2.80 -4.10 18.63
N VAL A 111 2.21 -3.12 19.27
CA VAL A 111 0.80 -2.77 19.12
C VAL A 111 0.66 -1.31 18.71
N ASN A 112 -0.48 -1.00 18.09
CA ASN A 112 -0.78 0.31 17.59
C ASN A 112 -1.33 1.16 18.71
N TRP A 113 -0.57 2.13 19.19
CA TRP A 113 -1.03 2.94 20.28
CA TRP A 113 -1.05 2.95 20.30
C TRP A 113 -2.11 3.94 19.86
N CYS A 114 -2.47 3.90 18.57
CA CYS A 114 -3.68 4.59 18.05
C CYS A 114 -4.96 3.76 18.27
N MET A 115 -4.87 2.62 18.92
CA MET A 115 -5.98 1.64 18.97
C MET A 115 -7.27 2.18 19.58
N ALA A 116 -7.16 3.21 20.41
CA ALA A 116 -8.33 3.79 21.12
C ALA A 116 -8.78 5.12 20.55
N ASN A 117 -8.11 5.58 19.49
CA ASN A 117 -8.49 6.82 18.85
C ASN A 117 -9.76 6.70 18.03
N GLU A 118 -10.41 7.84 17.83
CA GLU A 118 -11.61 7.89 16.98
C GLU A 118 -11.34 7.26 15.62
N ASN A 119 -10.16 7.50 15.06
CA ASN A 119 -9.69 6.72 13.89
C ASN A 119 -8.34 6.14 14.23
N SER A 120 -8.25 4.81 14.18
CA SER A 120 -7.08 4.10 14.64
C SER A 120 -5.97 3.96 13.59
N THR A 121 -6.12 4.54 12.40
CA THR A 121 -5.08 4.38 11.40
C THR A 121 -3.82 5.03 11.92
N PHE A 122 -2.72 4.32 11.81
CA PHE A 122 -1.44 4.72 12.41
C PHE A 122 -0.66 5.59 11.45
N HIS A 123 -0.31 6.79 11.91
CA HIS A 123 0.44 7.76 11.09
C HIS A 123 1.93 7.83 11.42
N CYS A 124 2.25 8.15 12.68
CA CYS A 124 3.64 8.26 13.11
C CYS A 124 3.71 8.23 14.65
N THR A 125 4.92 8.16 15.18
CA THR A 125 5.16 8.02 16.63
C THR A 125 5.98 9.23 17.08
N THR A 126 5.53 9.82 18.19
CA THR A 126 6.23 10.92 18.88
C THR A 126 7.01 10.34 20.08
N SER A 127 7.95 11.13 20.59
CA SER A 127 8.84 10.73 21.68
C SER A 127 8.81 11.85 22.74
N VAL A 128 7.79 11.81 23.59
CA VAL A 128 7.50 12.90 24.53
C VAL A 128 8.23 12.71 25.83
N LEU A 129 9.08 13.66 26.21
CA LEU A 129 9.81 13.56 27.48
C LEU A 129 8.88 13.84 28.69
N VAL A 130 8.76 12.84 29.56
CA VAL A 130 7.93 12.94 30.77
C VAL A 130 8.80 13.49 31.91
N GLY A 131 9.92 12.83 32.18
CA GLY A 131 10.81 13.29 33.25
C GLY A 131 11.76 12.22 33.66
N LEU A 132 12.45 12.42 34.78
CA LEU A 132 13.45 11.47 35.18
C LEU A 132 12.84 10.13 35.56
N ALA A 133 13.50 9.04 35.15
CA ALA A 133 13.09 7.68 35.52
C ALA A 133 13.61 7.34 36.92
N SER B 14 3.03 -20.72 -30.25
CA SER B 14 3.00 -19.22 -30.20
C SER B 14 1.62 -18.68 -29.81
N LEU B 15 0.56 -19.43 -30.10
CA LEU B 15 -0.83 -18.97 -29.88
C LEU B 15 -1.47 -19.56 -28.63
N ASN B 16 -0.74 -20.44 -27.95
CA ASN B 16 -1.28 -21.19 -26.82
C ASN B 16 -0.38 -21.07 -25.60
N PRO B 17 -0.50 -19.95 -24.87
CA PRO B 17 0.47 -19.69 -23.79
C PRO B 17 0.52 -20.79 -22.72
N ASP B 18 -0.58 -21.53 -22.55
CA ASP B 18 -0.63 -22.62 -21.56
C ASP B 18 0.30 -23.77 -21.95
N LEU B 19 0.67 -23.85 -23.22
CA LEU B 19 1.64 -24.85 -23.72
C LEU B 19 3.06 -24.30 -23.75
N ALA B 20 3.19 -22.99 -23.52
CA ALA B 20 4.47 -22.31 -23.62
C ALA B 20 5.23 -22.34 -22.30
N ASN B 21 6.49 -21.90 -22.38
CA ASN B 21 7.36 -21.79 -21.22
C ASN B 21 6.83 -20.68 -20.30
N GLU B 22 6.60 -21.02 -19.04
CA GLU B 22 6.00 -20.07 -18.10
C GLU B 22 6.84 -18.79 -18.00
N ASP B 23 8.16 -18.95 -17.90
CA ASP B 23 9.05 -17.78 -17.83
C ASP B 23 8.87 -16.87 -19.05
N GLU B 24 8.56 -17.46 -20.20
CA GLU B 24 8.31 -16.69 -21.43
C GLU B 24 7.01 -15.88 -21.31
N VAL B 25 5.89 -16.53 -20.94
CA VAL B 25 4.61 -15.83 -20.89
C VAL B 25 4.54 -14.83 -19.74
N ASN B 26 5.34 -15.06 -18.70
CA ASN B 26 5.35 -14.17 -17.52
C ASN B 26 6.27 -12.97 -17.72
N SER B 27 6.73 -12.77 -18.95
CA SER B 27 7.65 -11.67 -19.24
C SER B 27 6.87 -10.58 -19.95
N CYS B 28 7.19 -9.31 -19.63
CA CYS B 28 6.55 -8.21 -20.33
C CYS B 28 6.85 -8.19 -21.82
N ASP B 29 7.89 -8.92 -22.24
CA ASP B 29 8.24 -8.94 -23.66
CA ASP B 29 8.29 -8.97 -23.64
C ASP B 29 7.57 -10.07 -24.41
N TYR B 30 6.78 -10.89 -23.72
CA TYR B 30 5.97 -11.89 -24.44
C TYR B 30 5.09 -11.17 -25.45
N TRP B 31 5.03 -11.69 -26.69
CA TRP B 31 4.47 -10.93 -27.78
C TRP B 31 3.05 -10.39 -27.55
N ARG B 32 2.21 -11.14 -26.84
CA ARG B 32 0.84 -10.70 -26.76
C ARG B 32 0.62 -9.66 -25.66
N HIS B 33 1.67 -9.37 -24.91
CA HIS B 33 1.55 -8.40 -23.80
C HIS B 33 1.93 -7.01 -24.27
N CYS B 34 1.70 -6.69 -25.53
CA CYS B 34 2.33 -5.53 -26.14
C CYS B 34 1.73 -4.18 -25.71
N ALA B 35 0.55 -4.20 -25.12
CA ALA B 35 -0.04 -2.96 -24.61
C ALA B 35 -0.60 -3.13 -23.18
N VAL B 36 0.09 -3.87 -22.34
CA VAL B 36 -0.27 -4.06 -20.92
C VAL B 36 0.29 -2.96 -20.03
N ASP B 37 -0.62 -2.33 -19.27
CA ASP B 37 -0.26 -1.44 -18.17
C ASP B 37 -0.89 -2.06 -16.93
N GLY B 38 -0.14 -2.88 -16.24
CA GLY B 38 -0.69 -3.59 -15.10
C GLY B 38 0.18 -4.75 -14.70
N PHE B 39 -0.38 -5.64 -13.87
CA PHE B 39 0.31 -6.81 -13.40
C PHE B 39 -0.17 -8.02 -14.21
N LEU B 40 0.76 -8.82 -14.75
CA LEU B 40 0.30 -9.98 -15.53
C LEU B 40 -0.41 -10.97 -14.65
N CYS B 41 -1.68 -11.27 -14.98
CA CYS B 41 -2.46 -12.23 -14.18
C CYS B 41 -1.79 -13.62 -14.09
N SER B 42 -0.98 -13.99 -15.08
CA SER B 42 -0.31 -15.29 -15.05
C SER B 42 0.75 -15.37 -13.99
N CYS B 43 1.16 -14.22 -13.40
CA CYS B 43 2.07 -14.22 -12.28
C CYS B 43 1.37 -14.06 -10.94
N CYS B 44 0.05 -14.04 -11.00
CA CYS B 44 -0.81 -13.65 -9.87
C CYS B 44 -1.71 -14.77 -9.41
N GLY B 45 -1.40 -16.01 -9.83
CA GLY B 45 -2.29 -17.13 -9.47
C GLY B 45 -3.31 -17.48 -10.52
N GLY B 46 -3.28 -16.78 -11.65
CA GLY B 46 -4.16 -17.02 -12.78
C GLY B 46 -3.33 -17.50 -13.95
N THR B 47 -3.90 -17.36 -15.14
CA THR B 47 -3.18 -17.62 -16.38
C THR B 47 -3.46 -16.45 -17.30
N THR B 48 -2.92 -16.50 -18.51
CA THR B 48 -3.14 -15.44 -19.48
CA THR B 48 -3.14 -15.47 -19.49
C THR B 48 -4.62 -15.21 -19.79
N THR B 49 -5.47 -16.23 -19.59
CA THR B 49 -6.89 -16.15 -19.91
C THR B 49 -7.82 -16.55 -18.75
N THR B 50 -7.30 -16.57 -17.52
CA THR B 50 -8.14 -16.87 -16.36
C THR B 50 -7.75 -16.00 -15.18
N CYS B 51 -8.75 -15.45 -14.51
CA CYS B 51 -8.47 -14.61 -13.34
C CYS B 51 -7.97 -15.44 -12.16
N PRO B 52 -7.05 -14.89 -11.40
CA PRO B 52 -6.70 -15.52 -10.13
C PRO B 52 -7.93 -15.78 -9.31
N PRO B 53 -7.92 -16.83 -8.48
CA PRO B 53 -9.08 -17.12 -7.66
C PRO B 53 -9.62 -15.88 -6.93
N GLY B 54 -10.93 -15.69 -6.99
CA GLY B 54 -11.60 -14.66 -6.21
C GLY B 54 -11.48 -13.27 -6.80
N SER B 55 -10.99 -13.17 -8.03
CA SER B 55 -10.98 -11.91 -8.77
C SER B 55 -11.88 -12.07 -10.00
N THR B 56 -12.52 -10.99 -10.37
CA THR B 56 -13.64 -11.00 -11.30
C THR B 56 -13.23 -10.37 -12.63
N PRO B 57 -13.47 -11.05 -13.77
CA PRO B 57 -13.13 -10.43 -15.06
C PRO B 57 -13.89 -9.15 -15.32
N SER B 58 -13.23 -8.22 -16.03
CA SER B 58 -13.92 -7.05 -16.52
C SER B 58 -14.67 -7.38 -17.82
N PRO B 59 -15.89 -6.85 -17.96
CA PRO B 59 -16.66 -7.04 -19.19
C PRO B 59 -16.16 -6.15 -20.33
N ILE B 60 -15.36 -5.13 -19.96
CA ILE B 60 -14.78 -4.17 -20.89
C ILE B 60 -13.26 -4.23 -20.82
N SER B 61 -12.60 -3.64 -21.81
CA SER B 61 -11.16 -3.72 -21.90
C SER B 61 -10.65 -2.70 -22.88
N ILE B 63 -7.93 -2.59 -26.10
CA ILE B 63 -7.52 -3.54 -27.13
C ILE B 63 -6.17 -3.15 -27.68
N GLY B 64 -5.26 -4.12 -27.83
CA GLY B 64 -3.98 -3.93 -28.54
C GLY B 64 -3.94 -4.71 -29.84
N THR B 65 -3.09 -4.29 -30.76
CA THR B 65 -2.75 -5.11 -31.91
C THR B 65 -1.29 -5.48 -31.73
N CYS B 66 -0.99 -6.78 -31.62
CA CYS B 66 0.36 -7.26 -31.36
C CYS B 66 0.86 -8.20 -32.46
N HIS B 67 2.14 -8.07 -32.76
CA HIS B 67 2.77 -8.90 -33.77
C HIS B 67 3.33 -10.16 -33.15
N ASN B 68 3.02 -11.30 -33.75
CA ASN B 68 3.53 -12.59 -33.30
C ASN B 68 4.74 -12.93 -34.14
N PRO B 69 5.94 -12.89 -33.55
CA PRO B 69 7.13 -13.10 -34.36
C PRO B 69 7.33 -14.56 -34.74
N HIS B 70 6.62 -15.45 -34.04
CA HIS B 70 6.78 -16.87 -34.27
C HIS B 70 6.10 -17.28 -35.55
N ASP B 71 4.91 -16.74 -35.79
CA ASP B 71 4.15 -17.08 -37.00
C ASP B 71 4.04 -15.90 -37.98
N GLY B 72 4.55 -14.74 -37.60
CA GLY B 72 4.64 -13.60 -38.49
C GLY B 72 3.35 -12.83 -38.72
N LYS B 73 2.29 -13.18 -38.00
CA LYS B 73 0.99 -12.57 -38.17
C LYS B 73 0.69 -11.59 -37.03
N ASP B 74 -0.31 -10.74 -37.25
CA ASP B 74 -0.70 -9.72 -36.28
C ASP B 74 -2.06 -10.08 -35.72
N TYR B 75 -2.21 -9.91 -34.41
CA TYR B 75 -3.40 -10.34 -33.70
C TYR B 75 -4.00 -9.21 -32.84
N LEU B 76 -5.34 -9.18 -32.78
CA LEU B 76 -6.07 -8.36 -31.84
C LEU B 76 -6.05 -9.06 -30.50
N ILE B 77 -5.63 -8.29 -29.49
CA ILE B 77 -5.56 -8.74 -28.12
C ILE B 77 -6.45 -7.84 -27.26
N SER B 78 -7.27 -8.45 -26.43
CA SER B 78 -8.17 -7.73 -25.56
C SER B 78 -7.63 -7.82 -24.14
N TYR B 79 -7.34 -6.66 -23.52
CA TYR B 79 -6.75 -6.59 -22.19
C TYR B 79 -7.82 -6.40 -21.15
N HIS B 80 -8.51 -7.48 -20.84
CA HIS B 80 -9.45 -7.50 -19.74
C HIS B 80 -8.68 -7.53 -18.45
N ASP B 81 -9.23 -6.90 -17.43
CA ASP B 81 -8.61 -6.99 -16.14
C ASP B 81 -9.34 -8.01 -15.29
N CYS B 82 -8.69 -8.38 -14.20
CA CYS B 82 -9.35 -9.06 -13.12
C CYS B 82 -9.42 -8.13 -11.93
N CYS B 83 -10.57 -8.15 -11.27
CA CYS B 83 -10.99 -7.05 -10.40
C CYS B 83 -11.51 -7.51 -9.03
N GLY B 84 -11.59 -6.58 -8.08
CA GLY B 84 -12.20 -6.86 -6.78
C GLY B 84 -11.27 -7.49 -5.78
N LYS B 85 -9.99 -7.44 -6.08
CA LYS B 85 -8.92 -7.74 -5.12
C LYS B 85 -7.87 -6.65 -5.28
N THR B 86 -7.15 -6.38 -4.21
CA THR B 86 -6.10 -5.39 -4.23
C THR B 86 -4.91 -5.81 -5.10
N ALA B 87 -4.02 -4.87 -5.38
CA ALA B 87 -3.01 -5.00 -6.40
C ALA B 87 -2.20 -6.27 -6.27
N CYS B 88 -2.10 -7.06 -7.34
CA CYS B 88 -1.29 -8.24 -7.25
C CYS B 88 0.19 -7.98 -6.96
N GLY B 89 0.74 -6.96 -7.61
CA GLY B 89 2.12 -6.52 -7.32
C GLY B 89 3.24 -7.26 -8.04
N ARG B 90 2.89 -8.26 -8.84
CA ARG B 90 3.87 -9.10 -9.54
C ARG B 90 3.80 -8.89 -11.03
N CYS B 91 4.97 -8.96 -11.68
CA CYS B 91 5.06 -8.83 -13.14
C CYS B 91 4.34 -7.59 -13.65
N GLN B 92 4.75 -6.46 -13.08
CA GLN B 92 4.27 -5.19 -13.57
C GLN B 92 4.88 -4.90 -14.95
N CYS B 93 4.00 -4.57 -15.87
CA CYS B 93 4.38 -4.17 -17.22
C CYS B 93 3.79 -2.83 -17.54
N ASN B 94 4.46 -2.13 -18.44
CA ASN B 94 3.94 -0.89 -18.96
C ASN B 94 4.26 -0.71 -20.44
N THR B 95 3.81 -1.65 -21.27
CA THR B 95 4.12 -1.63 -22.67
C THR B 95 3.00 -0.91 -23.44
N GLN B 96 3.38 -0.31 -24.56
CA GLN B 96 2.56 0.73 -25.15
C GLN B 96 2.41 0.64 -26.67
N THR B 97 2.65 -0.55 -27.24
CA THR B 97 2.53 -0.68 -28.67
C THR B 97 1.12 -0.39 -29.14
N ARG B 98 1.02 0.60 -30.02
CA ARG B 98 -0.26 1.03 -30.63
C ARG B 98 -1.28 1.66 -29.66
N GLU B 99 -0.83 1.87 -28.41
CA GLU B 99 -1.68 2.49 -27.38
C GLU B 99 -1.87 3.96 -27.72
N ARG B 100 -3.09 4.41 -27.48
CA ARG B 100 -3.50 5.76 -27.76
C ARG B 100 -4.20 6.43 -26.56
N PRO B 101 -4.22 7.78 -26.58
CA PRO B 101 -4.85 8.46 -25.46
C PRO B 101 -6.33 8.31 -25.33
N GLY B 102 -6.90 8.90 -24.28
CA GLY B 102 -8.28 8.66 -23.91
C GLY B 102 -9.34 9.09 -24.89
N TYR B 103 -8.97 9.93 -25.86
CA TYR B 103 -9.91 10.29 -26.93
C TYR B 103 -10.02 9.16 -27.99
N GLU B 104 -9.23 8.10 -27.82
CA GLU B 104 -9.44 6.80 -28.54
C GLU B 104 -9.55 5.78 -27.40
N PHE B 105 -10.68 5.84 -26.72
CA PHE B 105 -10.74 5.34 -25.35
C PHE B 105 -10.42 3.85 -25.24
N PHE B 106 -10.91 3.04 -26.20
CA PHE B 106 -10.69 1.61 -26.07
C PHE B 106 -9.33 1.15 -26.57
N LEU B 107 -8.48 2.10 -26.96
CA LEU B 107 -7.08 1.84 -27.27
C LEU B 107 -6.15 2.30 -26.13
N HIS B 108 -6.77 2.72 -25.03
CA HIS B 108 -6.05 3.51 -24.00
C HIS B 108 -5.80 2.69 -22.74
N ASN B 109 -4.58 2.70 -22.21
CA ASN B 109 -4.25 1.83 -21.07
C ASN B 109 -3.84 2.53 -19.75
N ASP B 110 -4.08 3.85 -19.68
CA ASP B 110 -3.83 4.61 -18.44
C ASP B 110 -5.10 4.77 -17.63
N VAL B 111 -6.13 3.98 -17.92
CA VAL B 111 -7.33 3.91 -17.15
C VAL B 111 -7.51 2.50 -16.62
N ASN B 112 -8.28 2.39 -15.55
CA ASN B 112 -8.59 1.12 -14.89
C ASN B 112 -9.73 0.46 -15.63
N TRP B 113 -9.44 -0.62 -16.36
N TRP B 113 -9.45 -0.62 -16.37
CA TRP B 113 -10.49 -1.29 -17.11
CA TRP B 113 -10.53 -1.29 -17.09
C TRP B 113 -11.41 -2.09 -16.18
C TRP B 113 -11.43 -2.09 -16.17
N CYS B 114 -11.14 -2.08 -14.87
CA CYS B 114 -12.10 -2.55 -13.85
C CYS B 114 -13.17 -1.50 -13.49
N MET B 115 -13.17 -0.34 -14.18
CA MET B 115 -13.96 0.83 -13.75
C MET B 115 -15.48 0.61 -13.70
N ALA B 116 -15.98 -0.39 -14.41
CA ALA B 116 -17.40 -0.68 -14.46
C ALA B 116 -17.79 -1.96 -13.75
N ASN B 117 -16.84 -2.63 -13.09
CA ASN B 117 -17.13 -3.82 -12.30
C ASN B 117 -17.86 -3.51 -11.01
N GLU B 118 -18.50 -4.53 -10.44
CA GLU B 118 -19.17 -4.38 -9.15
C GLU B 118 -18.19 -3.87 -8.10
N ASN B 119 -16.96 -4.40 -8.13
CA ASN B 119 -15.87 -3.79 -7.39
C ASN B 119 -14.73 -3.43 -8.30
N SER B 120 -14.39 -2.16 -8.30
CA SER B 120 -13.44 -1.62 -9.24
C SER B 120 -11.98 -1.74 -8.81
N THR B 121 -11.70 -2.33 -7.66
CA THR B 121 -10.34 -2.42 -7.25
C THR B 121 -9.56 -3.23 -8.27
N PHE B 122 -8.43 -2.70 -8.73
CA PHE B 122 -7.66 -3.36 -9.80
C PHE B 122 -6.71 -4.43 -9.25
N HIS B 123 -6.82 -5.65 -9.78
CA HIS B 123 -5.98 -6.75 -9.31
C HIS B 123 -4.82 -7.11 -10.28
N CYS B 124 -5.18 -7.42 -11.52
CA CYS B 124 -4.20 -7.78 -12.57
C CYS B 124 -4.83 -7.65 -13.94
N THR B 125 -3.99 -7.74 -14.99
CA THR B 125 -4.40 -7.58 -16.37
C THR B 125 -4.13 -8.90 -17.13
N THR B 126 -5.10 -9.29 -17.94
CA THR B 126 -5.02 -10.48 -18.84
C THR B 126 -4.77 -10.03 -20.29
N SER B 127 -4.31 -10.96 -21.13
CA SER B 127 -4.08 -10.65 -22.56
C SER B 127 -4.80 -11.72 -23.39
N VAL B 128 -6.02 -11.42 -23.77
CA VAL B 128 -6.90 -12.41 -24.40
C VAL B 128 -6.83 -12.30 -25.91
N LEU B 129 -6.49 -13.39 -26.60
CA LEU B 129 -6.41 -13.35 -28.04
C LEU B 129 -7.80 -13.36 -28.66
N VAL B 130 -8.10 -12.35 -29.46
CA VAL B 130 -9.40 -12.19 -30.13
C VAL B 130 -9.34 -12.87 -31.51
N GLY B 131 -8.30 -12.57 -32.27
CA GLY B 131 -8.12 -13.11 -33.63
C GLY B 131 -7.18 -12.27 -34.44
N LEU B 132 -7.11 -12.53 -35.74
CA LEU B 132 -6.22 -11.77 -36.62
C LEU B 132 -6.64 -10.30 -36.71
N ALA B 133 -5.65 -9.41 -36.75
CA ALA B 133 -5.90 -7.99 -36.91
C ALA B 133 -6.28 -7.68 -38.35
N GLU C 2 6.77 17.67 28.87
CA GLU C 2 6.26 17.99 27.49
C GLU C 2 4.87 17.40 27.30
N VAL C 3 4.09 17.97 26.40
CA VAL C 3 2.76 17.45 26.11
C VAL C 3 2.57 17.47 24.60
N LEU C 4 2.14 16.32 24.07
CA LEU C 4 1.87 16.23 22.64
C LEU C 4 0.58 16.96 22.32
N THR C 5 0.64 17.81 21.30
CA THR C 5 -0.51 18.55 20.82
C THR C 5 -0.74 18.26 19.32
N GLY C 6 -2.02 18.32 18.94
CA GLY C 6 -2.45 18.34 17.54
C GLY C 6 -3.00 19.72 17.21
N GLY C 7 -3.69 19.83 16.10
CA GLY C 7 -4.31 21.07 15.69
C GLY C 7 -3.41 22.05 14.94
N HIS C 8 -2.21 21.62 14.59
CA HIS C 8 -1.20 22.51 14.02
C HIS C 8 -1.31 22.67 12.53
N SER C 9 -0.85 23.82 12.04
CA SER C 9 -0.81 24.12 10.63
C SER C 9 0.54 23.74 10.03
N VAL C 10 0.55 23.61 8.70
CA VAL C 10 1.75 23.31 7.99
C VAL C 10 2.79 24.39 8.31
N SER C 11 4.02 23.95 8.46
CA SER C 11 5.05 24.81 9.11
C SER C 11 5.72 25.76 8.16
N ALA C 12 5.54 25.59 6.85
CA ALA C 12 6.15 26.46 5.85
C ALA C 12 5.09 27.24 5.16
N PRO C 13 5.42 28.41 4.64
CA PRO C 13 4.40 29.19 3.98
C PRO C 13 3.86 28.53 2.72
N GLN C 14 2.62 28.87 2.36
CA GLN C 14 1.97 28.29 1.19
C GLN C 14 2.85 28.37 -0.05
N GLU C 15 3.55 29.48 -0.22
CA GLU C 15 4.33 29.72 -1.42
C GLU C 15 5.50 28.76 -1.55
N ASN C 16 5.84 28.02 -0.50
CA ASN C 16 6.93 27.09 -0.55
C ASN C 16 6.46 25.66 -0.90
N ARG C 17 5.13 25.46 -1.01
CA ARG C 17 4.56 24.11 -0.99
C ARG C 17 4.31 23.57 -2.39
N ILE C 18 4.60 22.29 -2.49
CA ILE C 18 4.26 21.49 -3.66
C ILE C 18 3.56 20.20 -3.20
N TYR C 19 2.85 19.60 -4.15
CA TYR C 19 1.90 18.51 -3.91
C TYR C 19 2.29 17.39 -4.88
N VAL C 20 2.80 16.28 -4.34
CA VAL C 20 3.24 15.13 -5.12
C VAL C 20 2.15 14.08 -4.95
N MET C 21 1.45 13.76 -6.04
CA MET C 21 0.32 12.85 -5.97
C MET C 21 0.91 11.46 -6.09
N ASP C 22 0.97 10.74 -4.96
CA ASP C 22 1.54 9.43 -4.98
C ASP C 22 0.42 8.40 -5.18
N SER C 23 0.39 7.79 -6.38
CA SER C 23 -0.61 6.76 -6.68
C SER C 23 -0.35 5.53 -5.83
N VAL C 24 0.88 5.30 -5.42
CA VAL C 24 1.23 4.07 -4.71
C VAL C 24 0.57 2.87 -5.44
N PHE C 25 0.90 2.79 -6.71
CA PHE C 25 0.27 1.79 -7.59
C PHE C 25 0.40 0.36 -7.04
N MET C 26 1.49 0.04 -6.38
CA MET C 26 1.61 -1.30 -5.78
C MET C 26 0.62 -1.57 -4.68
N HIS C 27 0.08 -0.48 -4.10
CA HIS C 27 -0.96 -0.52 -3.06
C HIS C 27 -1.94 0.62 -3.28
N LEU C 28 -2.59 0.57 -4.44
CA LEU C 28 -3.35 1.67 -4.99
C LEU C 28 -4.52 2.12 -4.14
N THR C 29 -4.98 1.28 -3.19
CA THR C 29 -6.00 1.73 -2.24
C THR C 29 -5.48 2.68 -1.14
N GLU C 30 -4.16 2.91 -1.07
CA GLU C 30 -3.58 3.85 -0.10
C GLU C 30 -2.77 4.93 -0.78
N SER C 31 -3.30 5.43 -1.90
CA SER C 31 -2.72 6.55 -2.59
C SER C 31 -2.81 7.75 -1.62
N ARG C 32 -1.96 8.73 -1.85
CA ARG C 32 -1.97 9.92 -0.98
C ARG C 32 -1.26 11.04 -1.66
N VAL C 33 -1.50 12.26 -1.15
CA VAL C 33 -0.76 13.44 -1.55
C VAL C 33 0.33 13.73 -0.52
N HIS C 34 1.57 13.87 -0.99
CA HIS C 34 2.66 14.28 -0.12
C HIS C 34 2.96 15.74 -0.36
N VAL C 35 3.02 16.49 0.73
CA VAL C 35 3.25 17.93 0.69
C VAL C 35 4.69 18.19 1.06
N TYR C 36 5.39 18.89 0.18
CA TYR C 36 6.81 19.17 0.36
C TYR C 36 7.09 20.65 0.25
N ASP C 37 8.17 21.05 0.91
CA ASP C 37 8.73 22.40 0.71
C ASP C 37 9.80 22.28 -0.39
N TYR C 38 9.53 22.91 -1.53
CA TYR C 38 10.45 22.79 -2.65
C TYR C 38 11.75 23.53 -2.41
N THR C 39 11.76 24.44 -1.44
CA THR C 39 12.98 25.24 -1.22
C THR C 39 14.08 24.48 -0.49
N ASN C 40 13.69 23.47 0.28
CA ASN C 40 14.64 22.69 1.04
C ASN C 40 14.37 21.21 1.11
N GLY C 41 13.35 20.74 0.40
CA GLY C 41 13.03 19.32 0.39
C GLY C 41 12.33 18.76 1.61
N LYS C 42 11.93 19.60 2.56
CA LYS C 42 11.31 19.10 3.76
C LYS C 42 9.88 18.60 3.51
N PHE C 43 9.60 17.44 4.07
CA PHE C 43 8.24 16.88 4.08
C PHE C 43 7.38 17.63 5.08
N LEU C 44 6.24 18.14 4.63
CA LEU C 44 5.39 19.01 5.45
C LEU C 44 4.11 18.35 5.94
N GLY C 45 3.69 17.29 5.26
CA GLY C 45 2.48 16.63 5.66
C GLY C 45 1.90 15.86 4.50
N MET C 46 0.69 15.34 4.68
CA MET C 46 0.09 14.53 3.61
C MET C 46 -1.41 14.49 3.73
N VAL C 47 -2.09 14.10 2.65
CA VAL C 47 -3.55 13.89 2.64
C VAL C 47 -3.82 12.52 2.05
N PRO C 48 -4.50 11.64 2.83
CA PRO C 48 -4.87 10.32 2.32
C PRO C 48 -5.95 10.41 1.28
N THR C 49 -5.80 9.61 0.20
CA THR C 49 -6.75 9.67 -0.92
C THR C 49 -7.20 8.28 -1.40
N ALA C 50 -7.17 7.27 -0.53
CA ALA C 50 -7.84 6.01 -0.79
C ALA C 50 -7.44 5.43 -2.17
N PHE C 51 -8.41 4.95 -2.93
CA PHE C 51 -8.09 4.29 -4.20
C PHE C 51 -7.88 5.28 -5.31
N ASN C 52 -6.67 5.34 -5.87
CA ASN C 52 -6.39 6.14 -7.06
C ASN C 52 -6.89 7.54 -6.91
N GLY C 53 -6.39 8.21 -5.90
CA GLY C 53 -6.80 9.58 -5.69
C GLY C 53 -6.26 10.51 -6.76
N HIS C 54 -7.01 11.59 -6.97
CA HIS C 54 -6.57 12.74 -7.79
C HIS C 54 -6.63 13.98 -6.86
N VAL C 55 -5.87 15.00 -7.19
CA VAL C 55 -5.76 16.16 -6.28
C VAL C 55 -5.58 17.43 -7.09
N GLN C 56 -6.07 18.52 -6.52
CA GLN C 56 -5.76 19.85 -7.04
C GLN C 56 -5.88 20.76 -5.84
N VAL C 57 -5.28 21.94 -5.94
CA VAL C 57 -5.42 22.96 -4.90
C VAL C 57 -6.35 24.00 -5.42
N SER C 58 -7.22 24.53 -4.55
CA SER C 58 -8.14 25.55 -5.01
C SER C 58 -7.35 26.75 -5.56
N ASN C 59 -7.94 27.45 -6.55
CA ASN C 59 -7.23 28.57 -7.18
C ASN C 59 -6.87 29.64 -6.15
N ASP C 60 -7.71 29.82 -5.13
CA ASP C 60 -7.45 30.83 -4.11
C ASP C 60 -6.45 30.36 -3.04
N GLY C 61 -5.92 29.16 -3.18
CA GLY C 61 -4.94 28.65 -2.24
C GLY C 61 -5.38 28.18 -0.87
N LYS C 62 -6.69 28.25 -0.58
CA LYS C 62 -7.17 27.97 0.78
C LYS C 62 -7.50 26.50 1.01
N LYS C 63 -7.84 25.76 -0.04
CA LYS C 63 -8.31 24.39 0.13
C LYS C 63 -7.62 23.45 -0.84
N ILE C 64 -7.59 22.18 -0.43
CA ILE C 64 -7.15 21.09 -1.29
C ILE C 64 -8.38 20.29 -1.66
N TYR C 65 -8.53 19.97 -2.95
CA TYR C 65 -9.59 19.13 -3.41
C TYR C 65 -9.02 17.77 -3.81
N THR C 66 -9.67 16.72 -3.34
CA THR C 66 -9.27 15.39 -3.76
C THR C 66 -10.47 14.73 -4.41
N MET C 67 -10.20 13.72 -5.22
CA MET C 67 -11.24 12.93 -5.85
C MET C 67 -10.81 11.49 -5.64
N THR C 68 -11.75 10.68 -5.16
CA THR C 68 -11.41 9.29 -4.86
C THR C 68 -12.62 8.38 -4.90
N THR C 69 -12.38 7.10 -4.69
CA THR C 69 -13.41 6.07 -4.66
C THR C 69 -13.22 5.30 -3.38
N TYR C 70 -14.33 5.16 -2.67
CA TYR C 70 -14.42 4.26 -1.55
C TYR C 70 -15.41 3.14 -1.86
N HIS C 71 -15.23 2.00 -1.16
CA HIS C 71 -16.32 1.03 -1.02
C HIS C 71 -16.48 0.68 0.45
N GLU C 72 -17.69 0.26 0.81
CA GLU C 72 -18.00 -0.04 2.20
C GLU C 72 -17.00 -0.96 2.85
N ARG C 73 -16.53 -1.94 2.07
CA ARG C 73 -15.53 -2.88 2.53
C ARG C 73 -14.33 -3.00 1.59
N ILE C 74 -14.05 -1.90 0.89
CA ILE C 74 -12.89 -1.69 0.02
C ILE C 74 -12.96 -2.48 -1.26
N THR C 75 -12.87 -3.78 -1.12
CA THR C 75 -12.95 -4.71 -2.24
C THR C 75 -14.33 -5.33 -2.45
N ARG C 76 -15.31 -4.93 -1.65
CA ARG C 76 -16.69 -5.32 -1.80
C ARG C 76 -17.56 -4.23 -1.14
N GLY C 77 -18.85 -4.27 -1.40
CA GLY C 77 -19.77 -3.30 -0.85
C GLY C 77 -19.99 -2.11 -1.77
N LYS C 78 -20.88 -1.22 -1.32
CA LYS C 78 -21.29 -0.08 -2.12
C LYS C 78 -20.17 0.89 -2.39
N ARG C 79 -20.11 1.31 -3.65
CA ARG C 79 -19.16 2.29 -4.15
C ARG C 79 -19.66 3.71 -3.84
N SER C 80 -18.72 4.55 -3.39
CA SER C 80 -18.93 6.00 -3.23
C SER C 80 -17.77 6.72 -3.91
N ASP C 81 -18.07 7.34 -5.05
CA ASP C 81 -17.12 8.28 -5.68
C ASP C 81 -17.39 9.65 -5.08
N VAL C 82 -16.33 10.36 -4.74
CA VAL C 82 -16.47 11.62 -4.03
C VAL C 82 -15.41 12.63 -4.45
N VAL C 83 -15.75 13.90 -4.21
CA VAL C 83 -14.74 14.94 -4.10
C VAL C 83 -14.73 15.27 -2.62
N GLU C 84 -13.53 15.47 -2.08
CA GLU C 84 -13.38 15.97 -0.71
C GLU C 84 -12.71 17.32 -0.71
N VAL C 85 -13.16 18.17 0.21
CA VAL C 85 -12.55 19.48 0.42
C VAL C 85 -11.81 19.41 1.75
N TRP C 86 -10.52 19.76 1.72
CA TRP C 86 -9.61 19.74 2.84
C TRP C 86 -9.08 21.14 3.04
N ASP C 87 -8.85 21.50 4.30
CA ASP C 87 -8.17 22.76 4.55
C ASP C 87 -6.70 22.68 4.18
N ALA C 88 -6.22 23.62 3.40
CA ALA C 88 -4.86 23.58 2.92
C ALA C 88 -3.82 23.73 4.01
N ASP C 89 -4.11 24.52 5.06
CA ASP C 89 -3.12 24.77 6.08
C ASP C 89 -3.14 23.76 7.23
N LYS C 90 -4.33 23.30 7.62
CA LYS C 90 -4.46 22.31 8.67
C LYS C 90 -4.38 20.87 8.14
N LEU C 91 -4.52 20.71 6.82
CA LEU C 91 -4.51 19.39 6.15
C LEU C 91 -5.54 18.48 6.83
N THR C 92 -6.76 19.03 7.02
CA THR C 92 -7.88 18.35 7.66
C THR C 92 -9.07 18.26 6.69
N PHE C 93 -9.86 17.21 6.84
CA PHE C 93 -11.01 16.98 6.03
C PHE C 93 -12.13 17.91 6.48
N GLU C 94 -12.80 18.55 5.51
CA GLU C 94 -13.96 19.39 5.79
C GLU C 94 -15.30 18.90 5.22
N LYS C 95 -15.35 18.49 3.95
CA LYS C 95 -16.62 18.23 3.30
C LYS C 95 -16.45 17.13 2.25
N GLU C 96 -17.43 16.25 2.15
CA GLU C 96 -17.54 15.25 1.13
C GLU C 96 -18.65 15.65 0.17
N ILE C 97 -18.37 15.58 -1.12
CA ILE C 97 -19.32 15.93 -2.18
C ILE C 97 -19.56 14.63 -2.96
N SER C 98 -20.79 14.14 -2.98
CA SER C 98 -21.10 12.91 -3.67
C SER C 98 -21.08 13.08 -5.17
N LEU C 99 -20.43 12.14 -5.86
CA LEU C 99 -20.39 12.05 -7.31
C LEU C 99 -21.15 10.80 -7.76
N PRO C 100 -21.63 10.81 -9.01
CA PRO C 100 -22.15 9.55 -9.53
C PRO C 100 -20.95 8.58 -9.63
N PRO C 101 -21.21 7.27 -9.54
CA PRO C 101 -20.16 6.23 -9.53
C PRO C 101 -19.48 5.92 -10.85
N LYS C 102 -18.90 6.96 -11.42
CA LYS C 102 -18.24 6.87 -12.70
C LYS C 102 -17.09 7.85 -12.86
N ARG C 103 -16.56 8.39 -11.76
CA ARG C 103 -15.41 9.25 -11.89
C ARG C 103 -14.24 8.48 -12.49
N VAL C 104 -13.40 9.15 -13.26
CA VAL C 104 -12.32 8.46 -13.94
C VAL C 104 -11.37 7.84 -12.95
N GLN C 105 -11.08 6.56 -13.13
CA GLN C 105 -10.04 5.85 -12.44
C GLN C 105 -8.92 5.68 -13.45
N GLY C 106 -7.81 6.34 -13.19
CA GLY C 106 -6.69 6.33 -14.13
C GLY C 106 -5.52 7.14 -13.63
N LEU C 107 -4.41 7.10 -14.36
CA LEU C 107 -3.22 7.80 -14.02
C LEU C 107 -3.47 9.32 -13.97
N ASN C 108 -2.61 9.98 -13.21
CA ASN C 108 -2.86 11.36 -12.77
C ASN C 108 -2.45 12.46 -13.76
N TYR C 109 -3.06 12.45 -14.93
CA TYR C 109 -2.97 13.54 -15.84
C TYR C 109 -3.72 14.73 -15.23
N ASP C 110 -3.15 15.92 -15.37
CA ASP C 110 -3.77 17.12 -14.82
C ASP C 110 -5.23 17.26 -15.30
N GLY C 111 -5.46 16.95 -16.57
CA GLY C 111 -6.75 17.26 -17.21
C GLY C 111 -7.92 16.41 -16.79
N LEU C 112 -7.68 15.44 -15.91
CA LEU C 112 -8.78 14.62 -15.42
C LEU C 112 -9.53 15.23 -14.22
N PHE C 113 -8.96 16.27 -13.59
CA PHE C 113 -9.51 16.84 -12.36
C PHE C 113 -9.00 18.29 -12.29
N ARG C 114 -9.89 19.21 -12.69
CA ARG C 114 -9.53 20.62 -12.87
C ARG C 114 -10.61 21.49 -12.23
N GLN C 115 -10.49 22.79 -12.44
CA GLN C 115 -11.50 23.71 -11.96
C GLN C 115 -11.62 24.85 -12.93
N THR C 116 -12.74 25.58 -12.84
CA THR C 116 -12.89 26.77 -13.65
C THR C 116 -11.91 27.84 -13.19
N THR C 117 -11.56 28.74 -14.10
CA THR C 117 -10.65 29.81 -13.73
C THR C 117 -11.13 30.57 -12.48
N ASP C 118 -12.44 30.80 -12.38
CA ASP C 118 -12.99 31.56 -11.23
C ASP C 118 -13.01 30.73 -9.93
N GLY C 119 -12.66 29.45 -10.01
CA GLY C 119 -12.57 28.61 -8.83
C GLY C 119 -13.90 28.16 -8.27
N LYS C 120 -15.01 28.53 -8.93
CA LYS C 120 -16.31 28.23 -8.37
C LYS C 120 -16.82 26.82 -8.69
N PHE C 121 -16.23 26.21 -9.70
CA PHE C 121 -16.64 24.88 -10.16
C PHE C 121 -15.45 23.97 -10.36
N ILE C 122 -15.61 22.77 -9.83
CA ILE C 122 -14.69 21.65 -10.14
C ILE C 122 -15.21 20.93 -11.39
N VAL C 123 -14.28 20.60 -12.27
CA VAL C 123 -14.60 20.02 -13.55
C VAL C 123 -13.77 18.75 -13.68
N LEU C 124 -14.46 17.62 -13.80
CA LEU C 124 -13.79 16.33 -13.67
C LEU C 124 -14.25 15.38 -14.78
N GLN C 125 -13.37 14.46 -15.12
CA GLN C 125 -13.64 13.48 -16.18
C GLN C 125 -14.34 12.24 -15.61
N ASN C 126 -15.42 11.81 -16.28
CA ASN C 126 -16.15 10.57 -15.97
C ASN C 126 -15.89 9.56 -17.08
N ALA C 127 -15.93 8.29 -16.70
CA ALA C 127 -15.88 7.18 -17.67
C ALA C 127 -16.69 6.05 -17.08
N SER C 128 -17.74 5.62 -17.77
CA SER C 128 -18.55 4.54 -17.24
C SER C 128 -18.62 3.17 -17.97
N PRO C 129 -17.89 2.94 -19.08
CA PRO C 129 -16.84 3.69 -19.76
C PRO C 129 -17.26 4.82 -20.70
N ALA C 130 -18.56 5.03 -20.94
CA ALA C 130 -18.98 6.16 -21.75
C ALA C 130 -18.44 7.39 -21.04
N THR C 131 -17.97 8.35 -21.81
CA THR C 131 -17.33 9.52 -21.21
C THR C 131 -18.29 10.70 -21.13
N SER C 132 -18.15 11.46 -20.06
CA SER C 132 -18.81 12.74 -19.87
C SER C 132 -17.98 13.55 -18.90
N ILE C 133 -18.32 14.83 -18.79
CA ILE C 133 -17.60 15.70 -17.87
C ILE C 133 -18.55 16.08 -16.76
N GLY C 134 -18.11 15.93 -15.51
CA GLY C 134 -18.92 16.29 -14.36
C GLY C 134 -18.55 17.62 -13.77
N ILE C 135 -19.55 18.34 -13.28
CA ILE C 135 -19.39 19.66 -12.71
C ILE C 135 -19.86 19.64 -11.26
N VAL C 136 -18.97 20.11 -10.38
CA VAL C 136 -19.24 20.26 -8.98
C VAL C 136 -19.22 21.74 -8.62
N ASP C 137 -20.31 22.18 -7.97
CA ASP C 137 -20.45 23.51 -7.43
C ASP C 137 -19.79 23.51 -6.05
N VAL C 138 -18.65 24.21 -5.94
CA VAL C 138 -17.90 24.21 -4.67
C VAL C 138 -18.72 24.85 -3.53
N ALA C 139 -19.29 26.01 -3.77
CA ALA C 139 -20.11 26.72 -2.74
C ALA C 139 -21.25 25.83 -2.23
N LYS C 140 -21.96 25.19 -3.14
CA LYS C 140 -23.08 24.36 -2.73
C LYS C 140 -22.70 22.97 -2.23
N GLY C 141 -21.48 22.52 -2.56
CA GLY C 141 -21.04 21.16 -2.21
C GLY C 141 -21.83 20.09 -2.94
N ASP C 142 -22.15 20.34 -4.22
CA ASP C 142 -23.05 19.49 -4.99
C ASP C 142 -22.58 19.25 -6.42
N TYR C 143 -22.83 18.05 -6.92
CA TYR C 143 -22.69 17.70 -8.31
C TYR C 143 -23.89 18.29 -9.01
N VAL C 144 -23.64 19.19 -9.96
CA VAL C 144 -24.74 19.97 -10.55
C VAL C 144 -24.98 19.78 -12.05
N GLU C 145 -24.07 19.15 -12.78
CA GLU C 145 -24.15 19.08 -14.23
C GLU C 145 -23.37 17.87 -14.73
N ASP C 146 -23.89 17.20 -15.73
CA ASP C 146 -23.19 16.10 -16.41
C ASP C 146 -23.19 16.47 -17.87
N VAL C 147 -22.03 16.74 -18.42
CA VAL C 147 -21.90 17.21 -19.80
C VAL C 147 -21.75 16.01 -20.73
N THR C 148 -22.88 15.46 -21.13
CA THR C 148 -22.93 14.36 -22.08
C THR C 148 -22.54 14.78 -23.49
N ALA C 149 -22.57 16.08 -23.76
CA ALA C 149 -22.08 16.60 -25.05
C ALA C 149 -20.63 16.21 -25.27
N ALA C 150 -19.89 15.97 -24.18
CA ALA C 150 -18.48 15.58 -24.27
C ALA C 150 -18.25 14.07 -24.49
N ALA C 151 -19.31 13.31 -24.77
CA ALA C 151 -19.14 11.89 -25.08
C ALA C 151 -18.15 11.70 -26.22
N GLY C 152 -17.24 10.74 -26.08
CA GLY C 152 -16.19 10.49 -27.04
C GLY C 152 -15.02 11.48 -27.00
N CYS C 153 -15.03 12.36 -26.00
CA CYS C 153 -13.94 13.26 -25.77
C CYS C 153 -13.22 12.88 -24.47
N TRP C 154 -12.12 13.58 -24.19
CA TRP C 154 -11.28 13.23 -23.03
C TRP C 154 -10.46 14.41 -22.54
N SER C 155 -10.55 14.62 -21.24
CA SER C 155 -9.79 15.59 -20.43
C SER C 155 -10.26 17.02 -20.54
N VAL C 156 -9.86 17.82 -19.56
CA VAL C 156 -10.41 19.14 -19.36
C VAL C 156 -9.23 20.13 -19.41
N ILE C 157 -9.32 21.12 -20.30
CA ILE C 157 -8.33 22.17 -20.43
C ILE C 157 -9.06 23.47 -20.13
N PRO C 158 -8.88 24.03 -18.92
CA PRO C 158 -9.55 25.28 -18.59
C PRO C 158 -9.03 26.40 -19.46
N GLN C 159 -9.89 27.38 -19.76
CA GLN C 159 -9.45 28.59 -20.47
C GLN C 159 -9.16 29.66 -19.40
N PRO C 160 -7.87 29.99 -19.22
CA PRO C 160 -7.55 30.99 -18.18
C PRO C 160 -8.04 32.40 -18.41
N ASN C 161 -8.59 32.66 -19.60
CA ASN C 161 -9.11 33.99 -19.94
C ASN C 161 -10.62 34.15 -19.82
N ARG C 162 -11.28 33.12 -19.31
CA ARG C 162 -12.73 33.14 -19.06
C ARG C 162 -13.00 32.49 -17.74
N PRO C 163 -14.05 32.95 -17.06
CA PRO C 163 -14.30 32.47 -15.72
C PRO C 163 -14.77 31.03 -15.53
N ARG C 164 -15.52 30.50 -16.50
CA ARG C 164 -16.14 29.18 -16.33
C ARG C 164 -16.15 28.44 -17.66
N SER C 165 -15.05 28.49 -18.37
CA SER C 165 -14.98 27.83 -19.69
C SER C 165 -13.83 26.85 -19.73
N PHE C 166 -14.02 25.76 -20.47
CA PHE C 166 -12.97 24.77 -20.64
C PHE C 166 -13.17 24.05 -21.94
N MET C 167 -12.13 23.37 -22.36
CA MET C 167 -12.13 22.60 -23.60
C MET C 167 -11.83 21.17 -23.32
N THR C 168 -12.22 20.31 -24.25
CA THR C 168 -11.88 18.89 -24.19
C THR C 168 -11.52 18.40 -25.58
N ILE C 169 -10.67 17.37 -25.64
CA ILE C 169 -10.17 16.82 -26.89
C ILE C 169 -11.08 15.69 -27.33
N CYS C 170 -11.59 15.75 -28.57
CA CYS C 170 -12.55 14.76 -29.03
C CYS C 170 -12.03 13.80 -30.11
N GLY C 171 -12.79 12.73 -30.31
CA GLY C 171 -12.39 11.67 -31.26
C GLY C 171 -12.36 12.06 -32.71
N ASP C 172 -12.91 13.22 -33.03
CA ASP C 172 -12.84 13.77 -34.37
C ASP C 172 -11.56 14.55 -34.59
N GLY C 173 -10.71 14.65 -33.57
CA GLY C 173 -9.47 15.41 -33.73
C GLY C 173 -9.64 16.91 -33.50
N GLY C 174 -10.80 17.31 -33.04
CA GLY C 174 -11.10 18.67 -32.68
C GLY C 174 -11.31 18.85 -31.19
N LEU C 175 -11.67 20.06 -30.84
CA LEU C 175 -11.88 20.47 -29.45
C LEU C 175 -13.32 20.91 -29.25
N LEU C 176 -13.93 20.48 -28.15
CA LEU C 176 -15.23 20.91 -27.74
C LEU C 176 -15.02 21.89 -26.61
N THR C 177 -15.57 23.09 -26.75
CA THR C 177 -15.53 24.11 -25.73
C THR C 177 -16.90 24.16 -25.05
N ILE C 178 -16.87 24.19 -23.71
CA ILE C 178 -18.03 24.30 -22.87
C ILE C 178 -17.89 25.55 -22.01
N ASN C 179 -18.93 26.36 -22.03
CA ASN C 179 -19.04 27.56 -21.21
C ASN C 179 -20.15 27.34 -20.20
N LEU C 180 -19.82 27.31 -18.92
CA LEU C 180 -20.80 27.07 -17.90
C LEU C 180 -21.44 28.35 -17.45
N GLY C 181 -22.72 28.31 -17.14
CA GLY C 181 -23.37 29.45 -16.50
C GLY C 181 -23.00 29.56 -15.04
N GLU C 182 -23.52 30.57 -14.37
CA GLU C 182 -23.16 30.78 -12.98
C GLU C 182 -23.79 29.76 -12.05
N ASP C 183 -24.68 28.94 -12.59
CA ASP C 183 -25.27 27.82 -11.89
C ASP C 183 -24.51 26.51 -12.18
N GLY C 184 -23.44 26.56 -12.96
CA GLY C 184 -22.70 25.36 -13.27
C GLY C 184 -23.28 24.48 -14.35
N LYS C 185 -24.42 24.88 -14.92
CA LYS C 185 -25.00 24.12 -16.04
C LYS C 185 -24.44 24.67 -17.33
N VAL C 186 -24.41 23.86 -18.38
CA VAL C 186 -23.90 24.33 -19.66
C VAL C 186 -24.69 25.54 -20.15
N ALA C 187 -24.00 26.64 -20.38
CA ALA C 187 -24.63 27.84 -20.94
C ALA C 187 -24.49 27.93 -22.45
N SER C 188 -23.40 27.40 -23.00
CA SER C 188 -23.23 27.29 -24.42
C SER C 188 -22.03 26.40 -24.70
N GLN C 189 -21.86 26.04 -25.96
CA GLN C 189 -20.80 25.17 -26.35
C GLN C 189 -20.45 25.43 -27.80
N SER C 190 -19.27 24.99 -28.20
CA SER C 190 -18.85 25.08 -29.59
C SER C 190 -17.82 24.01 -29.90
N ARG C 191 -17.69 23.66 -31.18
CA ARG C 191 -16.81 22.62 -31.66
C ARG C 191 -15.87 23.23 -32.68
N SER C 192 -14.57 22.99 -32.54
CA SER C 192 -13.58 23.50 -33.48
C SER C 192 -13.59 22.63 -34.72
N LYS C 193 -12.91 23.15 -35.76
CA LYS C 193 -12.54 22.32 -36.89
C LYS C 193 -11.52 21.28 -36.44
N GLN C 194 -11.24 20.28 -37.27
CA GLN C 194 -10.25 19.29 -36.92
C GLN C 194 -8.90 19.93 -36.72
N MET C 195 -8.27 19.68 -35.56
CA MET C 195 -6.95 20.20 -35.28
C MET C 195 -5.85 19.23 -35.72
N PHE C 196 -6.04 17.94 -35.43
CA PHE C 196 -5.03 16.94 -35.71
C PHE C 196 -5.70 15.69 -36.24
N SER C 197 -4.92 14.93 -36.99
CA SER C 197 -5.41 13.65 -37.46
C SER C 197 -5.23 12.63 -36.33
N VAL C 198 -6.34 12.09 -35.87
CA VAL C 198 -6.32 11.10 -34.79
C VAL C 198 -5.49 9.89 -35.19
N LYS C 199 -5.67 9.42 -36.43
CA LYS C 199 -4.97 8.22 -36.85
C LYS C 199 -3.52 8.43 -37.21
N ASP C 200 -3.22 9.55 -37.86
CA ASP C 200 -1.88 9.74 -38.41
C ASP C 200 -0.92 10.56 -37.54
N ASP C 201 -1.47 11.38 -36.62
CA ASP C 201 -0.60 12.23 -35.79
C ASP C 201 -1.27 12.55 -34.45
N PRO C 202 -1.53 11.51 -33.65
CA PRO C 202 -2.21 11.70 -32.37
C PRO C 202 -1.38 12.58 -31.45
N ILE C 203 -2.09 13.47 -30.75
CA ILE C 203 -1.45 14.34 -29.79
C ILE C 203 -1.51 13.75 -28.39
N PHE C 204 -0.50 14.10 -27.60
CA PHE C 204 -0.55 13.93 -26.15
C PHE C 204 -1.62 14.89 -25.60
N ILE C 205 -2.38 14.44 -24.59
CA ILE C 205 -3.45 15.30 -24.02
C ILE C 205 -2.95 16.49 -23.21
N ALA C 206 -1.73 16.42 -22.68
CA ALA C 206 -1.23 17.47 -21.77
C ALA C 206 -1.01 18.78 -22.50
N PRO C 207 -1.75 19.84 -22.10
CA PRO C 207 -1.55 21.12 -22.76
C PRO C 207 -0.35 21.88 -22.23
N ALA C 208 0.25 22.67 -23.11
CA ALA C 208 1.19 23.72 -22.72
C ALA C 208 0.28 24.95 -22.78
N LEU C 209 -0.19 25.37 -21.61
CA LEU C 209 -1.34 26.26 -21.53
C LEU C 209 -0.96 27.69 -21.30
N ASP C 210 -1.30 28.55 -22.26
CA ASP C 210 -1.12 29.98 -22.11
C ASP C 210 -2.43 30.62 -21.64
N LYS C 211 -2.44 31.94 -21.49
CA LYS C 211 -3.66 32.61 -21.04
C LYS C 211 -4.80 32.49 -22.02
N ASP C 212 -4.49 32.52 -23.32
CA ASP C 212 -5.53 32.57 -24.37
C ASP C 212 -5.30 31.56 -25.48
N LYS C 213 -4.35 30.66 -25.27
CA LYS C 213 -4.12 29.60 -26.20
C LYS C 213 -3.44 28.42 -25.53
N ALA C 214 -3.45 27.29 -26.22
CA ALA C 214 -2.83 26.05 -25.72
C ALA C 214 -2.11 25.38 -26.87
N HIS C 215 -0.99 24.76 -26.55
CA HIS C 215 -0.21 23.96 -27.50
C HIS C 215 -0.20 22.52 -27.03
N PHE C 216 -0.17 21.63 -28.00
CA PHE C 216 -0.12 20.18 -27.80
C PHE C 216 0.99 19.62 -28.66
N VAL C 217 1.69 18.61 -28.15
CA VAL C 217 2.70 17.92 -28.93
C VAL C 217 2.16 16.56 -29.33
N SER C 218 2.69 16.03 -30.43
CA SER C 218 2.21 14.76 -30.98
C SER C 218 3.19 13.64 -30.78
N TYR C 219 2.70 12.41 -31.01
CA TYR C 219 3.56 11.24 -30.92
C TYR C 219 4.79 11.30 -31.82
N TYR C 220 4.72 12.08 -32.89
CA TYR C 220 5.82 12.17 -33.86
C TYR C 220 6.56 13.46 -33.84
N GLY C 221 6.29 14.26 -32.80
CA GLY C 221 7.08 15.44 -32.53
C GLY C 221 6.57 16.70 -33.19
N ASN C 222 5.29 16.71 -33.53
CA ASN C 222 4.70 17.92 -34.08
C ASN C 222 3.96 18.68 -33.00
N VAL C 223 3.62 19.93 -33.31
CA VAL C 223 2.98 20.82 -32.36
C VAL C 223 1.72 21.36 -32.99
N TYR C 224 0.61 21.28 -32.27
CA TYR C 224 -0.66 21.85 -32.64
C TYR C 224 -1.08 22.91 -31.63
N SER C 225 -1.85 23.88 -32.09
CA SER C 225 -2.24 24.98 -31.24
C SER C 225 -3.71 25.29 -31.37
N ALA C 226 -4.27 25.74 -30.25
CA ALA C 226 -5.65 26.12 -30.18
C ALA C 226 -5.65 27.52 -29.59
N ASP C 227 -6.19 28.45 -30.37
CA ASP C 227 -6.32 29.83 -29.94
C ASP C 227 -7.75 30.08 -29.50
N PHE C 228 -7.92 30.44 -28.23
CA PHE C 228 -9.23 30.73 -27.67
C PHE C 228 -9.36 32.17 -27.18
N SER C 229 -8.67 33.09 -27.86
CA SER C 229 -8.87 34.51 -27.56
C SER C 229 -10.30 34.94 -27.86
N GLY C 230 -10.95 34.28 -28.81
CA GLY C 230 -12.36 34.48 -29.12
C GLY C 230 -13.26 33.33 -28.67
N ASP C 231 -14.56 33.46 -28.94
CA ASP C 231 -15.55 32.50 -28.46
C ASP C 231 -15.41 31.18 -29.20
N GLU C 232 -15.05 31.28 -30.47
CA GLU C 232 -14.76 30.11 -31.30
C GLU C 232 -13.26 29.88 -31.31
N VAL C 233 -12.87 28.65 -31.01
CA VAL C 233 -11.47 28.28 -30.97
C VAL C 233 -10.93 28.05 -32.37
N LYS C 234 -9.78 28.66 -32.65
CA LYS C 234 -9.10 28.53 -33.95
C LYS C 234 -7.91 27.59 -33.76
N VAL C 235 -7.80 26.60 -34.63
CA VAL C 235 -6.80 25.56 -34.50
C VAL C 235 -5.80 25.62 -35.65
N ASP C 236 -4.56 25.24 -35.38
CA ASP C 236 -3.56 25.14 -36.43
C ASP C 236 -2.46 24.13 -36.09
N GLY C 237 -1.54 23.97 -37.03
CA GLY C 237 -0.50 22.98 -36.91
C GLY C 237 -0.67 21.91 -37.95
N PRO C 238 0.34 21.07 -38.10
CA PRO C 238 1.55 20.97 -37.31
C PRO C 238 2.70 21.91 -37.69
N TRP C 239 3.51 22.26 -36.70
CA TRP C 239 4.92 22.53 -36.91
C TRP C 239 5.74 21.53 -36.16
N SER C 240 6.95 21.23 -36.62
CA SER C 240 7.76 20.18 -36.03
C SER C 240 8.70 20.72 -34.97
N LEU C 241 8.77 20.01 -33.85
CA LEU C 241 9.82 20.21 -32.86
C LEU C 241 11.22 19.88 -33.35
N LEU C 242 11.30 19.18 -34.49
CA LEU C 242 12.51 18.52 -34.94
C LEU C 242 13.15 19.22 -36.13
N ASN C 243 14.48 19.34 -36.09
CA ASN C 243 15.26 19.70 -37.27
C ASN C 243 15.73 18.41 -37.98
N ASP C 244 16.46 18.52 -39.09
CA ASP C 244 16.85 17.31 -39.84
C ASP C 244 17.73 16.36 -39.05
N GLU C 245 18.62 16.94 -38.25
CA GLU C 245 19.53 16.17 -37.43
C GLU C 245 18.72 15.40 -36.40
N ASP C 246 17.75 16.07 -35.81
CA ASP C 246 16.93 15.44 -34.79
C ASP C 246 16.16 14.26 -35.37
N LYS C 247 15.66 14.43 -36.60
CA LYS C 247 14.93 13.38 -37.30
C LYS C 247 15.80 12.19 -37.59
N ALA C 248 17.05 12.46 -37.92
CA ALA C 248 18.01 11.40 -38.18
C ALA C 248 18.17 10.45 -36.99
N LYS C 249 18.04 10.98 -35.76
CA LYS C 249 18.19 10.15 -34.58
C LYS C 249 16.81 9.79 -33.98
N ASN C 250 15.72 10.07 -34.71
CA ASN C 250 14.35 9.63 -34.34
C ASN C 250 13.87 10.17 -32.99
N TRP C 251 14.22 11.42 -32.73
CA TRP C 251 13.77 12.10 -31.49
C TRP C 251 12.27 12.33 -31.53
N VAL C 252 11.59 11.97 -30.43
CA VAL C 252 10.17 12.16 -30.29
C VAL C 252 9.87 12.52 -28.80
N PRO C 253 8.70 13.09 -28.55
CA PRO C 253 8.29 13.33 -27.16
C PRO C 253 7.96 12.07 -26.44
N GLY C 254 8.09 12.07 -25.13
CA GLY C 254 7.49 10.99 -24.35
C GLY C 254 7.32 11.42 -22.92
N GLY C 255 6.29 10.87 -22.30
CA GLY C 255 6.01 11.11 -20.89
C GLY C 255 4.51 11.15 -20.66
N TYR C 256 4.12 11.74 -19.54
CA TYR C 256 2.75 11.82 -19.12
C TYR C 256 2.31 13.27 -19.10
N ASN C 257 2.55 13.96 -17.97
CA ASN C 257 2.32 15.40 -17.92
C ASN C 257 3.60 16.01 -18.50
N LEU C 258 3.77 15.90 -19.82
CA LEU C 258 5.10 15.99 -20.44
C LEU C 258 5.53 17.34 -20.99
N VAL C 259 4.63 18.32 -20.93
CA VAL C 259 4.90 19.66 -21.44
C VAL C 259 4.55 20.75 -20.41
N GLY C 260 5.07 21.93 -20.69
CA GLY C 260 4.82 23.08 -19.83
C GLY C 260 5.10 24.33 -20.62
N LEU C 261 4.50 25.43 -20.18
CA LEU C 261 4.68 26.70 -20.86
C LEU C 261 5.07 27.73 -19.84
N HIS C 262 6.12 28.45 -20.13
CA HIS C 262 6.47 29.66 -19.37
C HIS C 262 5.81 30.83 -20.07
N ARG C 263 4.76 31.40 -19.48
CA ARG C 263 3.90 32.30 -20.20
C ARG C 263 4.59 33.63 -20.54
N ALA C 264 5.45 34.10 -19.67
CA ALA C 264 6.08 35.41 -19.91
C ALA C 264 6.94 35.40 -21.17
N SER C 265 7.64 34.29 -21.41
CA SER C 265 8.57 34.17 -22.54
C SER C 265 8.00 33.42 -23.73
N GLY C 266 6.96 32.62 -23.52
CA GLY C 266 6.46 31.73 -24.56
C GLY C 266 7.30 30.46 -24.70
N ARG C 267 8.23 30.23 -23.80
CA ARG C 267 9.04 29.00 -23.92
C ARG C 267 8.18 27.80 -23.54
N MET C 268 8.23 26.76 -24.37
CA MET C 268 7.57 25.50 -24.09
C MET C 268 8.62 24.43 -23.81
N TYR C 269 8.36 23.66 -22.76
CA TYR C 269 9.27 22.63 -22.26
C TYR C 269 8.62 21.30 -22.61
N VAL C 270 9.45 20.40 -23.14
CA VAL C 270 8.97 19.09 -23.65
C VAL C 270 10.00 18.01 -23.35
N PHE C 271 9.55 16.92 -22.76
CA PHE C 271 10.39 15.75 -22.58
C PHE C 271 10.53 14.98 -23.87
N MET C 272 11.78 14.66 -24.21
CA MET C 272 12.10 14.06 -25.51
C MET C 272 13.07 12.89 -25.31
N HIS C 273 13.00 11.91 -26.23
CA HIS C 273 13.96 10.82 -26.21
C HIS C 273 14.29 10.43 -27.67
N PRO C 274 15.50 9.90 -27.88
CA PRO C 274 15.90 9.43 -29.20
C PRO C 274 15.34 8.04 -29.49
N ASP C 275 15.55 7.63 -30.73
CA ASP C 275 15.16 6.26 -31.14
C ASP C 275 13.68 5.98 -30.95
N GLY C 276 12.88 6.99 -31.26
CA GLY C 276 11.45 6.88 -31.18
C GLY C 276 10.92 5.91 -32.20
N LYS C 277 9.90 5.16 -31.81
CA LYS C 277 9.17 4.28 -32.70
C LYS C 277 7.87 3.97 -31.99
N GLU C 278 7.00 3.20 -32.64
CA GLU C 278 5.73 2.85 -32.08
C GLU C 278 5.96 2.20 -30.72
N GLY C 279 5.27 2.74 -29.71
CA GLY C 279 5.34 2.23 -28.37
C GLY C 279 6.25 2.98 -27.42
N THR C 280 6.86 4.08 -27.86
CA THR C 280 7.81 4.77 -26.97
C THR C 280 7.25 6.07 -26.41
N HIS C 281 5.96 6.32 -26.56
CA HIS C 281 5.39 7.62 -26.20
C HIS C 281 5.36 7.89 -24.69
N LYS C 282 5.60 6.89 -23.85
CA LYS C 282 5.65 7.13 -22.39
C LYS C 282 7.06 6.91 -21.81
N PHE C 283 8.06 6.88 -22.68
CA PHE C 283 9.42 6.70 -22.24
C PHE C 283 9.94 7.89 -21.44
N PRO C 284 10.74 7.61 -20.42
CA PRO C 284 11.39 8.70 -19.68
C PRO C 284 12.21 9.64 -20.58
N ALA C 285 12.31 10.89 -20.16
CA ALA C 285 13.03 11.88 -20.92
C ALA C 285 14.51 11.61 -20.91
N ALA C 286 15.10 11.53 -22.10
CA ALA C 286 16.55 11.69 -22.24
C ALA C 286 16.96 13.16 -22.11
N GLU C 287 16.11 14.04 -22.63
CA GLU C 287 16.38 15.46 -22.57
C GLU C 287 15.08 16.21 -22.30
N ILE C 288 15.24 17.44 -21.78
CA ILE C 288 14.18 18.42 -21.87
C ILE C 288 14.57 19.38 -22.98
N TRP C 289 13.66 19.61 -23.92
CA TRP C 289 13.88 20.61 -24.95
C TRP C 289 13.11 21.87 -24.57
N VAL C 290 13.73 23.00 -24.83
CA VAL C 290 13.15 24.31 -24.59
C VAL C 290 12.91 24.94 -25.94
N MET C 291 11.64 25.15 -26.26
CA MET C 291 11.21 25.60 -27.59
C MET C 291 10.69 27.01 -27.49
N ASP C 292 11.10 27.86 -28.44
CA ASP C 292 10.53 29.18 -28.53
C ASP C 292 9.27 29.01 -29.38
N THR C 293 8.08 29.20 -28.78
CA THR C 293 6.82 28.96 -29.50
C THR C 293 6.49 30.06 -30.50
N LYS C 294 7.17 31.20 -30.39
CA LYS C 294 6.99 32.27 -31.38
C LYS C 294 7.80 31.97 -32.66
N THR C 295 9.08 31.61 -32.51
CA THR C 295 9.93 31.32 -33.68
C THR C 295 9.77 29.89 -34.18
N LYS C 296 9.16 29.05 -33.35
CA LYS C 296 8.93 27.64 -33.66
C LYS C 296 10.24 26.89 -33.84
N GLN C 297 11.21 27.25 -33.00
CA GLN C 297 12.53 26.64 -33.02
C GLN C 297 13.03 26.33 -31.61
N ARG C 298 13.83 25.29 -31.47
CA ARG C 298 14.42 24.95 -30.19
C ARG C 298 15.47 25.97 -29.83
N VAL C 299 15.53 26.34 -28.55
CA VAL C 299 16.58 27.24 -28.05
C VAL C 299 17.58 26.58 -27.14
N ALA C 300 17.18 25.52 -26.45
CA ALA C 300 18.07 24.80 -25.58
C ALA C 300 17.62 23.38 -25.36
N ARG C 301 18.56 22.56 -24.90
CA ARG C 301 18.30 21.21 -24.52
C ARG C 301 19.18 20.86 -23.34
N ILE C 302 18.63 20.12 -22.39
CA ILE C 302 19.33 19.75 -21.18
C ILE C 302 19.03 18.30 -20.81
N PRO C 303 19.87 17.67 -19.98
CA PRO C 303 19.56 16.32 -19.58
C PRO C 303 18.21 16.18 -18.91
N GLY C 304 17.53 15.08 -19.21
CA GLY C 304 16.16 14.87 -18.76
C GLY C 304 15.98 14.21 -17.43
N ARG C 305 17.04 13.58 -16.93
CA ARG C 305 17.02 12.93 -15.63
C ARG C 305 15.90 11.92 -15.52
N ASP C 306 15.61 11.24 -16.64
CA ASP C 306 14.55 10.24 -16.70
C ASP C 306 13.19 10.70 -16.27
N ALA C 307 12.96 12.01 -16.38
CA ALA C 307 11.67 12.53 -15.95
C ALA C 307 10.53 12.11 -16.88
N LEU C 308 9.33 12.04 -16.29
CA LEU C 308 8.09 11.68 -16.98
C LEU C 308 7.02 12.75 -16.94
N SER C 309 6.99 13.54 -15.86
CA SER C 309 6.02 14.61 -15.68
C SER C 309 6.67 15.87 -15.18
N MET C 310 6.01 16.98 -15.45
CA MET C 310 6.50 18.31 -15.02
C MET C 310 5.33 19.19 -14.65
N THR C 311 5.69 20.34 -14.08
CA THR C 311 4.77 21.44 -13.86
C THR C 311 5.59 22.73 -13.73
N ILE C 312 4.91 23.83 -13.99
CA ILE C 312 5.58 25.14 -14.06
C ILE C 312 4.92 26.09 -13.05
N ASP C 313 5.76 26.84 -12.35
CA ASP C 313 5.30 27.99 -11.55
C ASP C 313 5.71 29.26 -12.32
N GLN C 314 4.70 30.03 -12.72
CA GLN C 314 4.98 31.21 -13.51
C GLN C 314 5.68 32.27 -12.67
N GLN C 315 5.14 32.55 -11.50
CA GLN C 315 5.60 33.74 -10.79
C GLN C 315 6.97 33.66 -10.19
N ARG C 316 7.44 32.44 -9.89
CA ARG C 316 8.78 32.25 -9.36
C ARG C 316 9.71 31.67 -10.44
N ASN C 317 9.17 31.49 -11.66
CA ASN C 317 9.96 31.01 -12.79
C ASN C 317 10.64 29.70 -12.47
N LEU C 318 9.80 28.71 -12.14
CA LEU C 318 10.29 27.39 -11.77
C LEU C 318 9.63 26.31 -12.61
N MET C 319 10.38 25.24 -12.81
CA MET C 319 9.84 24.02 -13.39
C MET C 319 10.20 22.90 -12.45
N LEU C 320 9.22 22.06 -12.09
CA LEU C 320 9.51 20.84 -11.39
C LEU C 320 9.45 19.70 -12.40
N THR C 321 10.33 18.71 -12.27
CA THR C 321 10.19 17.48 -13.07
C THR C 321 10.19 16.32 -12.08
N LEU C 322 9.66 15.20 -12.53
CA LEU C 322 9.33 14.08 -11.66
C LEU C 322 9.53 12.80 -12.48
N ASP C 323 10.33 11.88 -11.92
CA ASP C 323 10.68 10.63 -12.61
C ASP C 323 9.87 9.42 -12.08
N GLY C 324 8.89 9.69 -11.24
CA GLY C 324 8.09 8.69 -10.56
C GLY C 324 8.34 8.65 -9.07
N GLY C 325 9.56 8.99 -8.66
CA GLY C 325 9.91 8.99 -7.24
C GLY C 325 10.59 10.24 -6.71
N ASN C 326 11.32 10.92 -7.59
CA ASN C 326 12.14 12.07 -7.23
C ASN C 326 11.69 13.31 -7.95
N VAL C 327 11.75 14.46 -7.28
CA VAL C 327 11.32 15.73 -7.83
C VAL C 327 12.54 16.61 -8.01
N ASN C 328 12.74 17.09 -9.22
CA ASN C 328 13.82 18.00 -9.57
C ASN C 328 13.25 19.40 -9.64
N VAL C 329 13.95 20.37 -9.04
CA VAL C 329 13.55 21.75 -9.04
C VAL C 329 14.49 22.56 -9.93
N TYR C 330 13.93 23.21 -10.93
CA TYR C 330 14.66 24.01 -11.88
C TYR C 330 14.23 25.45 -11.88
N ASP C 331 15.25 26.31 -11.98
CA ASP C 331 15.05 27.73 -12.25
C ASP C 331 14.96 27.91 -13.76
N ILE C 332 13.85 28.43 -14.24
CA ILE C 332 13.64 28.69 -15.64
C ILE C 332 13.52 30.18 -15.96
N SER C 333 14.13 31.02 -15.10
CA SER C 333 14.12 32.47 -15.36
C SER C 333 14.89 32.86 -16.59
N GLN C 334 15.79 31.99 -17.04
CA GLN C 334 16.55 32.21 -18.27
CA GLN C 334 16.54 32.21 -18.27
C GLN C 334 16.29 31.02 -19.19
N PRO C 335 16.58 31.16 -20.50
CA PRO C 335 16.28 30.08 -21.45
C PRO C 335 16.84 28.71 -21.10
N GLU C 336 18.05 28.64 -20.55
CA GLU C 336 18.58 27.35 -20.10
C GLU C 336 18.13 27.08 -18.66
N PRO C 337 17.36 26.03 -18.43
CA PRO C 337 17.00 25.72 -17.03
C PRO C 337 18.23 25.38 -16.21
N LYS C 338 18.20 25.76 -14.91
CA LYS C 338 19.26 25.45 -13.98
C LYS C 338 18.70 24.59 -12.86
N LEU C 339 19.31 23.43 -12.63
CA LEU C 339 18.92 22.50 -11.59
C LEU C 339 19.32 23.05 -10.25
N LEU C 340 18.35 23.24 -9.37
CA LEU C 340 18.60 23.77 -8.01
C LEU C 340 18.75 22.67 -6.98
N ARG C 341 17.94 21.63 -7.11
CA ARG C 341 18.00 20.53 -6.16
C ARG C 341 17.11 19.40 -6.61
N THR C 342 17.33 18.25 -6.01
CA THR C 342 16.50 17.09 -6.22
C THR C 342 15.97 16.63 -4.86
N ILE C 343 14.67 16.39 -4.80
CA ILE C 343 14.01 15.86 -3.64
C ILE C 343 13.90 14.37 -3.86
N GLU C 344 14.70 13.56 -3.16
CA GLU C 344 14.73 12.14 -3.37
C GLU C 344 13.61 11.49 -2.55
N GLY C 345 12.94 10.51 -3.15
CA GLY C 345 11.95 9.74 -2.42
C GLY C 345 10.71 10.52 -2.03
N ALA C 346 10.31 11.43 -2.90
CA ALA C 346 9.09 12.23 -2.69
C ALA C 346 7.81 11.38 -2.86
N ALA C 347 7.94 10.26 -3.58
CA ALA C 347 6.84 9.36 -3.82
C ALA C 347 7.39 8.01 -4.22
N GLU C 348 6.54 6.99 -4.12
CA GLU C 348 6.82 5.69 -4.68
C GLU C 348 6.38 5.58 -6.13
N ALA C 349 5.25 6.16 -6.49
CA ALA C 349 4.75 6.05 -7.84
C ALA C 349 3.88 7.25 -8.17
N SER C 350 4.53 8.35 -8.44
CA SER C 350 3.84 9.55 -8.79
C SER C 350 4.11 9.95 -10.21
N LEU C 351 3.04 10.32 -10.91
CA LEU C 351 3.15 10.95 -12.21
C LEU C 351 2.65 12.38 -12.23
N GLN C 352 2.52 13.03 -11.06
CA GLN C 352 1.96 14.39 -11.00
C GLN C 352 2.46 15.16 -9.79
N VAL C 353 3.05 16.32 -10.06
CA VAL C 353 3.46 17.26 -9.02
C VAL C 353 2.82 18.60 -9.42
N GLN C 354 2.43 19.38 -8.40
CA GLN C 354 1.77 20.66 -8.58
C GLN C 354 2.26 21.63 -7.50
N PHE C 355 2.43 22.89 -7.87
CA PHE C 355 2.70 23.94 -6.89
C PHE C 355 1.43 24.42 -6.21
N HIS C 356 1.58 24.83 -4.93
CA HIS C 356 0.50 25.59 -4.30
C HIS C 356 0.30 26.85 -5.12
N PRO C 357 -0.95 27.18 -5.49
CA PRO C 357 -1.20 28.45 -6.18
C PRO C 357 -0.78 29.64 -5.35
N VAL C 358 -0.22 30.64 -6.02
CA VAL C 358 0.02 31.93 -5.35
C VAL C 358 -0.70 33.09 -6.04
N GLY C 359 -1.10 32.88 -7.30
CA GLY C 359 -1.80 33.89 -8.11
C GLY C 359 -3.16 34.42 -7.66
N GLY C 360 -3.84 33.68 -6.77
CA GLY C 360 -5.22 34.02 -6.38
C GLY C 360 -6.22 33.98 -7.52
N GLU D 2 -10.48 -16.97 -27.57
CA GLU D 2 -10.23 -17.17 -26.11
C GLU D 2 -11.24 -16.36 -25.35
N VAL D 3 -11.54 -16.80 -24.14
CA VAL D 3 -12.48 -16.08 -23.28
C VAL D 3 -11.94 -16.09 -21.84
N LEU D 4 -11.88 -14.89 -21.26
CA LEU D 4 -11.45 -14.73 -19.87
C LEU D 4 -12.53 -15.20 -18.93
N THR D 5 -12.16 -16.06 -17.99
CA THR D 5 -13.10 -16.57 -17.01
C THR D 5 -12.59 -16.41 -15.58
N GLY D 6 -13.52 -16.23 -14.64
CA GLY D 6 -13.23 -16.35 -13.23
C GLY D 6 -13.87 -17.57 -12.62
N GLY D 7 -13.99 -17.57 -11.30
CA GLY D 7 -14.63 -18.67 -10.58
C GLY D 7 -13.71 -19.85 -10.34
N HIS D 8 -12.41 -19.68 -10.56
CA HIS D 8 -11.47 -20.80 -10.49
C HIS D 8 -10.94 -21.03 -9.11
N SER D 9 -10.59 -22.27 -8.81
CA SER D 9 -9.93 -22.61 -7.59
C SER D 9 -8.43 -22.47 -7.68
N VAL D 10 -7.81 -22.39 -6.52
CA VAL D 10 -6.36 -22.41 -6.43
C VAL D 10 -5.79 -23.64 -7.17
N SER D 11 -4.72 -23.41 -7.92
CA SER D 11 -4.20 -24.40 -8.90
C SER D 11 -3.47 -25.56 -8.26
N ALA D 12 -2.84 -25.34 -7.11
CA ALA D 12 -2.11 -26.36 -6.39
C ALA D 12 -2.94 -26.90 -5.25
N PRO D 13 -2.74 -28.17 -4.90
CA PRO D 13 -3.58 -28.72 -3.84
C PRO D 13 -3.25 -28.14 -2.45
N GLN D 14 -4.19 -28.28 -1.51
CA GLN D 14 -4.07 -27.63 -0.20
C GLN D 14 -2.77 -27.99 0.48
N GLU D 15 -2.31 -29.22 0.35
CA GLU D 15 -1.12 -29.69 1.03
C GLU D 15 0.18 -28.99 0.55
N ASN D 16 0.08 -28.25 -0.55
CA ASN D 16 1.24 -27.50 -1.05
C ASN D 16 1.27 -26.06 -0.54
N ARG D 17 0.21 -25.64 0.13
CA ARG D 17 -0.02 -24.19 0.37
C ARG D 17 0.48 -23.69 1.70
N ILE D 18 0.97 -22.45 1.64
CA ILE D 18 1.34 -21.68 2.82
C ILE D 18 0.77 -20.29 2.66
N TYR D 19 0.68 -19.62 3.80
CA TYR D 19 0.01 -18.30 3.93
C TYR D 19 1.00 -17.36 4.56
N VAL D 20 1.40 -16.35 3.79
CA VAL D 20 2.34 -15.35 4.24
C VAL D 20 1.51 -14.09 4.54
N MET D 21 1.47 -13.69 5.82
CA MET D 21 0.63 -12.57 6.22
C MET D 21 1.47 -11.33 5.98
N ASP D 22 1.13 -10.58 4.94
CA ASP D 22 1.92 -9.40 4.62
C ASP D 22 1.25 -8.20 5.28
N SER D 23 1.87 -7.66 6.32
CA SER D 23 1.34 -6.49 6.97
C SER D 23 1.40 -5.28 6.03
N VAL D 24 2.33 -5.26 5.08
CA VAL D 24 2.52 -4.10 4.24
C VAL D 24 2.57 -2.84 5.14
N PHE D 25 3.45 -2.84 6.12
CA PHE D 25 3.47 -1.79 7.15
C PHE D 25 3.57 -0.39 6.54
N MET D 26 4.30 -0.26 5.42
CA MET D 26 4.41 1.03 4.76
C MET D 26 3.10 1.54 4.20
N HIS D 27 2.14 0.61 4.00
CA HIS D 27 0.76 0.91 3.54
C HIS D 27 -0.20 -0.03 4.25
N LEU D 28 -0.21 0.09 5.56
CA LEU D 28 -0.83 -0.88 6.47
C LEU D 28 -2.32 -1.05 6.26
N THR D 29 -2.99 -0.11 5.56
CA THR D 29 -4.39 -0.25 5.20
C THR D 29 -4.64 -1.22 4.05
N GLU D 30 -3.57 -1.74 3.42
CA GLU D 30 -3.72 -2.70 2.30
C GLU D 30 -2.91 -3.94 2.60
N SER D 31 -2.93 -4.36 3.86
CA SER D 31 -2.36 -5.62 4.24
C SER D 31 -3.07 -6.75 3.47
N ARG D 32 -2.41 -7.90 3.36
CA ARG D 32 -3.03 -9.01 2.65
C ARG D 32 -2.31 -10.29 2.97
N VAL D 33 -3.01 -11.38 2.68
CA VAL D 33 -2.42 -12.70 2.80
C VAL D 33 -1.96 -13.15 1.42
N HIS D 34 -0.70 -13.52 1.31
CA HIS D 34 -0.20 -14.10 0.05
C HIS D 34 -0.17 -15.61 0.19
N VAL D 35 -0.75 -16.30 -0.78
CA VAL D 35 -0.81 -17.77 -0.81
C VAL D 35 0.27 -18.26 -1.75
N TYR D 36 1.17 -19.12 -1.24
CA TYR D 36 2.28 -19.67 -2.03
C TYR D 36 2.25 -21.19 -1.99
N ASP D 37 2.84 -21.80 -3.03
CA ASP D 37 3.13 -23.23 -3.06
C ASP D 37 4.55 -23.37 -2.52
N TYR D 38 4.74 -24.03 -1.37
CA TYR D 38 6.08 -24.15 -0.79
C TYR D 38 7.00 -25.13 -1.56
N THR D 39 6.40 -25.97 -2.40
CA THR D 39 7.16 -27.00 -3.12
C THR D 39 7.94 -26.40 -4.29
N ASN D 40 7.44 -25.31 -4.83
CA ASN D 40 8.08 -24.70 -5.98
C ASN D 40 8.15 -23.17 -5.97
N GLY D 41 7.69 -22.52 -4.88
CA GLY D 41 7.73 -21.05 -4.75
C GLY D 41 6.70 -20.31 -5.60
N LYS D 42 5.73 -21.02 -6.19
CA LYS D 42 4.73 -20.36 -7.03
C LYS D 42 3.69 -19.58 -6.19
N PHE D 43 3.42 -18.37 -6.67
CA PHE D 43 2.37 -17.54 -6.09
C PHE D 43 1.03 -18.04 -6.57
N LEU D 44 0.15 -18.33 -5.63
CA LEU D 44 -1.12 -18.97 -5.95
C LEU D 44 -2.38 -18.08 -5.85
N GLY D 45 -2.29 -16.99 -5.09
CA GLY D 45 -3.40 -16.10 -4.93
C GLY D 45 -3.22 -15.29 -3.67
N MET D 46 -4.26 -14.55 -3.29
CA MET D 46 -4.15 -13.68 -2.13
C MET D 46 -5.52 -13.34 -1.57
N VAL D 47 -5.52 -12.90 -0.32
CA VAL D 47 -6.75 -12.44 0.37
C VAL D 47 -6.51 -11.06 0.93
N PRO D 48 -7.30 -10.06 0.46
CA PRO D 48 -7.10 -8.72 0.99
C PRO D 48 -7.58 -8.61 2.41
N THR D 49 -6.83 -7.90 3.27
CA THR D 49 -7.15 -7.80 4.70
C THR D 49 -7.05 -6.40 5.30
N ALA D 50 -7.24 -5.40 4.46
CA ALA D 50 -7.49 -4.05 4.92
C ALA D 50 -6.42 -3.63 5.94
N PHE D 51 -6.81 -3.02 7.06
CA PHE D 51 -5.82 -2.47 7.99
C PHE D 51 -5.31 -3.52 8.94
N ASN D 52 -4.01 -3.81 8.92
CA ASN D 52 -3.39 -4.74 9.85
C ASN D 52 -4.15 -6.02 10.01
N GLY D 53 -4.31 -6.73 8.89
CA GLY D 53 -4.97 -8.03 8.94
C GLY D 53 -4.23 -9.05 9.77
N HIS D 54 -5.01 -9.94 10.37
CA HIS D 54 -4.49 -11.18 10.95
C HIS D 54 -5.19 -12.34 10.22
N VAL D 55 -4.56 -13.52 10.24
CA VAL D 55 -5.07 -14.64 9.47
C VAL D 55 -4.79 -15.96 10.18
N GLN D 56 -5.72 -16.90 10.01
CA GLN D 56 -5.50 -18.31 10.39
C GLN D 56 -6.34 -19.13 9.43
N VAL D 57 -6.03 -20.42 9.30
CA VAL D 57 -6.82 -21.32 8.53
C VAL D 57 -7.65 -22.16 9.50
N SER D 58 -8.87 -22.47 9.11
CA SER D 58 -9.71 -23.29 9.97
C SER D 58 -9.00 -24.63 10.18
N ASN D 59 -9.18 -25.22 11.34
CA ASN D 59 -8.51 -26.48 11.65
C ASN D 59 -8.88 -27.54 10.63
N ASP D 60 -10.10 -27.48 10.11
CA ASP D 60 -10.56 -28.46 9.13
C ASP D 60 -10.06 -28.19 7.72
N GLY D 61 -9.32 -27.11 7.54
CA GLY D 61 -8.68 -26.77 6.26
C GLY D 61 -9.59 -26.27 5.16
N LYS D 62 -10.86 -26.04 5.45
CA LYS D 62 -11.82 -25.61 4.43
C LYS D 62 -11.87 -24.09 4.25
N LYS D 63 -11.60 -23.35 5.33
CA LYS D 63 -11.83 -21.89 5.32
C LYS D 63 -10.60 -21.13 5.80
N ILE D 64 -10.47 -19.89 5.32
CA ILE D 64 -9.48 -18.96 5.86
C ILE D 64 -10.26 -17.95 6.70
N TYR D 65 -9.77 -17.74 7.91
CA TYR D 65 -10.31 -16.71 8.78
C TYR D 65 -9.37 -15.51 8.77
N THR D 66 -9.92 -14.32 8.53
CA THR D 66 -9.14 -13.11 8.70
C THR D 66 -9.78 -12.25 9.81
N MET D 67 -9.01 -11.33 10.36
CA MET D 67 -9.45 -10.34 11.31
C MET D 67 -8.89 -9.03 10.87
N THR D 68 -9.77 -8.02 10.82
CA THR D 68 -9.32 -6.73 10.32
C THR D 68 -10.18 -5.61 10.87
N THR D 69 -9.80 -4.39 10.55
CA THR D 69 -10.54 -3.17 10.89
C THR D 69 -10.81 -2.39 9.63
N TYR D 70 -12.08 -1.98 9.48
CA TYR D 70 -12.51 -1.04 8.47
C TYR D 70 -13.03 0.23 9.17
N HIS D 71 -12.99 1.33 8.41
CA HIS D 71 -13.79 2.51 8.74
C HIS D 71 -14.56 2.95 7.51
N GLU D 72 -15.70 3.58 7.73
CA GLU D 72 -16.53 3.96 6.61
C GLU D 72 -15.79 4.73 5.55
N ARG D 73 -14.83 5.56 5.97
CA ARG D 73 -14.01 6.33 5.04
C ARG D 73 -12.51 6.15 5.32
N ILE D 74 -12.17 4.98 5.85
CA ILE D 74 -10.78 4.52 6.09
C ILE D 74 -10.13 5.28 7.28
N THR D 75 -9.84 6.56 7.06
CA THR D 75 -9.20 7.45 8.04
C THR D 75 -10.19 8.28 8.83
N ARG D 76 -11.49 8.14 8.52
CA ARG D 76 -12.57 8.70 9.31
C ARG D 76 -13.79 7.83 9.18
N GLY D 77 -14.81 8.11 9.97
CA GLY D 77 -16.06 7.38 9.94
C GLY D 77 -16.07 6.20 10.90
N LYS D 78 -17.22 5.55 10.95
CA LYS D 78 -17.45 4.51 11.93
C LYS D 78 -16.52 3.31 11.70
N ARG D 79 -16.02 2.79 12.81
CA ARG D 79 -15.15 1.61 12.86
C ARG D 79 -15.95 0.33 12.86
N SER D 80 -15.51 -0.63 12.04
CA SER D 80 -16.01 -1.97 12.09
C SER D 80 -14.84 -2.94 12.20
N ASP D 81 -14.66 -3.54 13.37
CA ASP D 81 -13.73 -4.66 13.53
C ASP D 81 -14.50 -5.93 13.21
N VAL D 82 -13.88 -6.83 12.44
CA VAL D 82 -14.56 -8.01 11.96
C VAL D 82 -13.62 -9.21 11.95
N VAL D 83 -14.26 -10.38 11.98
CA VAL D 83 -13.64 -11.60 11.48
C VAL D 83 -14.33 -11.87 10.17
N GLU D 84 -13.57 -12.26 9.12
CA GLU D 84 -14.14 -12.71 7.89
C GLU D 84 -13.84 -14.18 7.64
N VAL D 85 -14.85 -14.85 7.09
CA VAL D 85 -14.69 -16.22 6.63
C VAL D 85 -14.61 -16.22 5.12
N TRP D 86 -13.52 -16.83 4.61
CA TRP D 86 -13.21 -16.97 3.21
C TRP D 86 -13.08 -18.46 2.83
N ASP D 87 -13.58 -18.80 1.65
CA ASP D 87 -13.35 -20.15 1.14
C ASP D 87 -11.88 -20.34 0.78
N ALA D 88 -11.27 -21.37 1.33
CA ALA D 88 -9.86 -21.62 1.06
C ALA D 88 -9.53 -21.94 -0.40
N ASP D 89 -10.39 -22.69 -1.08
CA ASP D 89 -10.03 -23.09 -2.43
C ASP D 89 -10.40 -22.04 -3.47
N LYS D 90 -11.48 -21.30 -3.26
CA LYS D 90 -11.89 -20.26 -4.21
C LYS D 90 -11.28 -18.89 -3.87
N LEU D 91 -10.76 -18.77 -2.65
CA LEU D 91 -10.24 -17.49 -2.10
C LEU D 91 -11.25 -16.36 -2.27
N THR D 92 -12.50 -16.66 -1.90
CA THR D 92 -13.62 -15.75 -1.99
C THR D 92 -14.20 -15.48 -0.58
N PHE D 93 -14.76 -14.28 -0.43
CA PHE D 93 -15.38 -13.87 0.79
C PHE D 93 -16.74 -14.52 0.96
N GLU D 94 -17.01 -15.02 2.17
CA GLU D 94 -18.29 -15.65 2.50
C GLU D 94 -19.10 -14.98 3.59
N LYS D 95 -18.46 -14.61 4.70
CA LYS D 95 -19.21 -14.12 5.86
C LYS D 95 -18.38 -13.13 6.65
N GLU D 96 -19.02 -12.07 7.15
CA GLU D 96 -18.46 -11.13 8.11
C GLU D 96 -19.11 -11.36 9.47
N ILE D 97 -18.28 -11.49 10.49
CA ILE D 97 -18.70 -11.61 11.88
C ILE D 97 -18.28 -10.31 12.59
N SER D 98 -19.25 -9.58 13.09
CA SER D 98 -18.98 -8.34 13.79
C SER D 98 -18.33 -8.52 15.16
N LEU D 99 -17.24 -7.80 15.42
CA LEU D 99 -16.60 -7.78 16.73
C LEU D 99 -16.81 -6.42 17.40
N PRO D 100 -16.62 -6.33 18.73
CA PRO D 100 -16.59 -5.04 19.36
C PRO D 100 -15.36 -4.31 18.85
N PRO D 101 -15.40 -2.98 18.79
CA PRO D 101 -14.32 -2.20 18.16
C PRO D 101 -13.07 -2.06 19.01
N LYS D 102 -12.50 -3.20 19.37
CA LYS D 102 -11.32 -3.27 20.21
C LYS D 102 -10.45 -4.48 19.91
N ARG D 103 -10.57 -5.08 18.72
CA ARG D 103 -9.67 -6.17 18.38
C ARG D 103 -8.24 -5.69 18.38
N VAL D 104 -7.30 -6.54 18.78
CA VAL D 104 -5.90 -6.09 18.84
C VAL D 104 -5.39 -5.66 17.49
N GLN D 105 -4.81 -4.47 17.46
CA GLN D 105 -4.08 -3.96 16.31
C GLN D 105 -2.60 -4.03 16.69
N GLY D 106 -1.86 -4.87 16.00
CA GLY D 106 -0.48 -5.15 16.35
C GLY D 106 0.14 -6.14 15.41
N LEU D 107 1.43 -6.32 15.57
CA LEU D 107 2.15 -7.27 14.73
C LEU D 107 1.62 -8.68 14.90
N ASN D 108 1.88 -9.50 13.87
CA ASN D 108 1.23 -10.78 13.69
C ASN D 108 1.82 -11.98 14.44
N TYR D 109 1.81 -11.89 15.75
CA TYR D 109 2.11 -13.03 16.59
C TYR D 109 0.97 -14.03 16.47
N ASP D 110 1.29 -15.30 16.35
CA ASP D 110 0.25 -16.32 16.26
C ASP D 110 -0.81 -16.16 17.35
N GLY D 111 -0.39 -15.85 18.57
CA GLY D 111 -1.27 -15.95 19.71
C GLY D 111 -2.30 -14.84 19.84
N LEU D 112 -2.33 -13.91 18.89
CA LEU D 112 -3.35 -12.88 18.91
C LEU D 112 -4.66 -13.29 18.21
N PHE D 113 -4.64 -14.38 17.45
CA PHE D 113 -5.78 -14.78 16.64
C PHE D 113 -5.64 -16.27 16.43
N ARG D 114 -6.40 -17.02 17.24
CA ARG D 114 -6.29 -18.47 17.31
C ARG D 114 -7.70 -19.11 17.27
N GLN D 115 -7.76 -20.41 17.50
CA GLN D 115 -9.04 -21.11 17.55
C GLN D 115 -8.87 -22.21 18.58
N THR D 116 -10.00 -22.66 19.11
CA THR D 116 -9.97 -23.79 20.05
C THR D 116 -9.58 -25.03 19.24
N THR D 117 -9.10 -26.06 19.95
CA THR D 117 -8.72 -27.31 19.30
C THR D 117 -9.85 -27.91 18.47
N ASP D 118 -11.10 -27.80 18.96
CA ASP D 118 -12.24 -28.35 18.25
C ASP D 118 -12.73 -27.50 17.07
N GLY D 119 -12.07 -26.36 16.89
CA GLY D 119 -12.37 -25.45 15.81
C GLY D 119 -13.69 -24.74 15.92
N LYS D 120 -14.39 -24.88 17.03
CA LYS D 120 -15.75 -24.32 17.15
C LYS D 120 -15.73 -22.85 17.56
N PHE D 121 -14.61 -22.40 18.10
CA PHE D 121 -14.47 -21.02 18.57
C PHE D 121 -13.18 -20.42 18.05
N ILE D 122 -13.30 -19.19 17.57
CA ILE D 122 -12.18 -18.33 17.30
C ILE D 122 -11.93 -17.55 18.57
N VAL D 123 -10.67 -17.45 18.95
CA VAL D 123 -10.24 -16.86 20.19
C VAL D 123 -9.20 -15.84 19.87
N LEU D 124 -9.46 -14.58 20.24
CA LEU D 124 -8.65 -13.45 19.79
C LEU D 124 -8.38 -12.46 20.92
N GLN D 125 -7.30 -11.69 20.82
CA GLN D 125 -6.95 -10.72 21.81
C GLN D 125 -7.63 -9.40 21.52
N ASN D 126 -8.24 -8.82 22.56
CA ASN D 126 -8.82 -7.49 22.55
C ASN D 126 -7.92 -6.53 23.33
N ALA D 127 -7.91 -5.29 22.93
CA ALA D 127 -7.21 -4.25 23.67
C ALA D 127 -7.90 -2.92 23.40
N SER D 128 -8.43 -2.30 24.45
CA SER D 128 -9.19 -1.07 24.30
C SER D 128 -8.66 0.25 24.90
N PRO D 129 -7.48 0.29 25.55
CA PRO D 129 -6.42 -0.66 25.76
C PRO D 129 -6.60 -1.69 26.87
N ALA D 130 -7.70 -1.63 27.61
CA ALA D 130 -7.99 -2.68 28.59
C ALA D 130 -7.98 -3.99 27.83
N THR D 131 -7.36 -5.01 28.40
CA THR D 131 -7.29 -6.27 27.69
C THR D 131 -8.36 -7.24 28.13
N SER D 132 -8.80 -8.02 27.17
CA SER D 132 -9.72 -9.15 27.36
C SER D 132 -9.53 -10.06 26.18
N ILE D 133 -10.06 -11.26 26.29
CA ILE D 133 -10.03 -12.22 25.18
C ILE D 133 -11.43 -12.28 24.58
N GLY D 134 -11.51 -12.20 23.26
CA GLY D 134 -12.77 -12.27 22.56
C GLY D 134 -13.01 -13.66 22.03
N ILE D 135 -14.27 -14.03 22.05
CA ILE D 135 -14.71 -15.34 21.61
C ILE D 135 -15.74 -15.21 20.52
N VAL D 136 -15.47 -15.87 19.38
CA VAL D 136 -16.38 -15.92 18.24
C VAL D 136 -16.86 -17.37 18.03
N ASP D 137 -18.17 -17.53 17.96
CA ASP D 137 -18.84 -18.79 17.74
C ASP D 137 -18.91 -19.00 16.24
N VAL D 138 -18.11 -19.94 15.75
CA VAL D 138 -18.04 -20.14 14.29
C VAL D 138 -19.37 -20.66 13.72
N ALA D 139 -20.01 -21.60 14.40
CA ALA D 139 -21.26 -22.13 13.89
C ALA D 139 -22.32 -21.04 13.77
N LYS D 140 -22.44 -20.20 14.79
CA LYS D 140 -23.44 -19.12 14.80
C LYS D 140 -23.02 -17.88 14.00
N GLY D 141 -21.74 -17.74 13.70
CA GLY D 141 -21.24 -16.55 13.06
C GLY D 141 -21.45 -15.34 13.95
N ASP D 142 -21.24 -15.54 15.26
CA ASP D 142 -21.52 -14.51 16.25
C ASP D 142 -20.36 -14.31 17.20
N TYR D 143 -20.28 -13.09 17.73
CA TYR D 143 -19.44 -12.80 18.89
C TYR D 143 -20.22 -13.24 20.13
N VAL D 144 -19.54 -13.92 21.02
CA VAL D 144 -20.14 -14.39 22.27
C VAL D 144 -20.01 -13.25 23.30
N GLU D 145 -18.94 -13.23 24.07
CA GLU D 145 -18.71 -12.15 25.00
C GLU D 145 -17.24 -12.12 25.37
N ASP D 146 -16.84 -11.01 25.98
CA ASP D 146 -15.47 -10.82 26.44
C ASP D 146 -15.12 -11.76 27.59
N VAL D 147 -13.91 -12.32 27.55
CA VAL D 147 -13.37 -13.03 28.70
C VAL D 147 -12.62 -12.00 29.51
N THR D 148 -13.35 -11.37 30.43
CA THR D 148 -12.79 -10.30 31.24
C THR D 148 -11.79 -10.78 32.31
N ALA D 149 -11.81 -12.09 32.60
CA ALA D 149 -10.87 -12.65 33.58
C ALA D 149 -9.41 -12.49 33.10
N ALA D 150 -9.23 -12.30 31.79
CA ALA D 150 -7.91 -12.19 31.20
C ALA D 150 -7.35 -10.76 31.22
N ALA D 151 -8.02 -9.82 31.88
CA ALA D 151 -7.49 -8.48 32.03
C ALA D 151 -6.10 -8.54 32.60
N GLY D 152 -5.18 -7.76 32.03
CA GLY D 152 -3.80 -7.77 32.48
C GLY D 152 -2.97 -8.95 31.96
N CYS D 153 -3.54 -9.74 31.04
CA CYS D 153 -2.84 -10.85 30.41
C CYS D 153 -2.73 -10.59 28.91
N TRP D 154 -2.05 -11.49 28.19
CA TRP D 154 -1.81 -11.26 26.76
C TRP D 154 -1.57 -12.55 26.05
N SER D 155 -2.29 -12.70 24.94
CA SER D 155 -2.12 -13.72 23.93
C SER D 155 -2.80 -15.02 24.30
N VAL D 156 -3.01 -15.86 23.31
CA VAL D 156 -3.84 -17.06 23.40
C VAL D 156 -2.99 -18.27 23.02
N ILE D 157 -2.84 -19.22 23.95
CA ILE D 157 -2.14 -20.48 23.72
C ILE D 157 -3.19 -21.56 23.88
N PRO D 158 -3.69 -22.11 22.76
CA PRO D 158 -4.65 -23.19 22.90
C PRO D 158 -4.04 -24.42 23.55
N GLN D 159 -4.87 -25.19 24.28
CA GLN D 159 -4.45 -26.49 24.80
C GLN D 159 -4.86 -27.55 23.76
N PRO D 160 -3.88 -28.12 23.01
CA PRO D 160 -4.26 -29.11 22.01
C PRO D 160 -4.83 -30.45 22.54
N ASN D 161 -4.79 -30.62 23.85
CA ASN D 161 -5.35 -31.82 24.50
C ASN D 161 -6.79 -31.68 24.99
N ARG D 162 -7.39 -30.51 24.78
CA ARG D 162 -8.75 -30.23 25.23
C ARG D 162 -9.47 -29.48 24.14
N PRO D 163 -10.78 -29.71 23.99
CA PRO D 163 -11.55 -29.16 22.86
C PRO D 163 -11.74 -27.66 22.85
N ARG D 164 -11.85 -27.03 24.01
CA ARG D 164 -12.16 -25.59 24.06
C ARG D 164 -11.56 -24.92 25.27
N SER D 165 -10.27 -25.16 25.47
CA SER D 165 -9.50 -24.55 26.51
C SER D 165 -8.27 -23.86 25.93
N PHE D 166 -7.87 -22.79 26.58
CA PHE D 166 -6.69 -22.09 26.21
C PHE D 166 -6.14 -21.39 27.40
N MET D 167 -4.90 -20.95 27.25
CA MET D 167 -4.21 -20.23 28.28
C MET D 167 -3.76 -18.87 27.77
N THR D 168 -3.46 -18.00 28.72
CA THR D 168 -2.87 -16.70 28.43
C THR D 168 -1.82 -16.32 29.47
N ILE D 169 -0.87 -15.49 29.08
CA ILE D 169 0.23 -15.08 29.95
C ILE D 169 -0.12 -13.81 30.63
N CYS D 170 0.02 -13.77 31.97
CA CYS D 170 -0.40 -12.62 32.76
C CYS D 170 0.73 -11.82 33.39
N GLY D 171 0.42 -10.59 33.79
CA GLY D 171 1.42 -9.70 34.37
C GLY D 171 2.03 -10.17 35.67
N ASP D 172 1.43 -11.17 36.29
CA ASP D 172 1.99 -11.76 37.51
C ASP D 172 3.03 -12.83 37.20
N GLY D 173 3.28 -13.08 35.93
CA GLY D 173 4.28 -14.08 35.54
C GLY D 173 3.75 -15.49 35.57
N GLY D 174 2.43 -15.64 35.70
CA GLY D 174 1.78 -16.91 35.60
C GLY D 174 0.87 -17.00 34.40
N LEU D 175 0.24 -18.16 34.27
CA LEU D 175 -0.72 -18.45 33.23
C LEU D 175 -2.12 -18.57 33.77
N LEU D 176 -3.05 -17.97 33.05
CA LEU D 176 -4.48 -18.13 33.31
C LEU D 176 -5.03 -19.07 32.25
N THR D 177 -5.71 -20.10 32.73
CA THR D 177 -6.33 -21.06 31.87
C THR D 177 -7.85 -20.81 31.85
N ILE D 178 -8.43 -20.86 30.66
CA ILE D 178 -9.84 -20.64 30.44
C ILE D 178 -10.43 -21.84 29.78
N ASN D 179 -11.51 -22.35 30.37
CA ASN D 179 -12.24 -23.48 29.80
C ASN D 179 -13.63 -23.02 29.39
N LEU D 180 -13.92 -23.06 28.11
CA LEU D 180 -15.20 -22.56 27.62
C LEU D 180 -16.25 -23.63 27.69
N GLY D 181 -17.50 -23.21 27.85
CA GLY D 181 -18.62 -24.12 27.67
C GLY D 181 -19.00 -24.21 26.21
N GLU D 182 -19.98 -25.06 25.91
CA GLU D 182 -20.41 -25.27 24.52
C GLU D 182 -20.99 -24.02 23.87
N ASP D 183 -21.34 -23.02 24.68
CA ASP D 183 -21.85 -21.75 24.17
C ASP D 183 -20.78 -20.67 24.00
N GLY D 184 -19.54 -21.02 24.30
CA GLY D 184 -18.42 -20.08 24.16
C GLY D 184 -18.21 -19.17 25.33
N LYS D 185 -19.02 -19.34 26.37
CA LYS D 185 -18.83 -18.56 27.59
C LYS D 185 -17.84 -19.26 28.51
N VAL D 186 -17.27 -18.55 29.48
CA VAL D 186 -16.34 -19.15 30.42
C VAL D 186 -17.10 -20.13 31.30
N ALA D 187 -16.66 -21.39 31.32
CA ALA D 187 -17.27 -22.41 32.18
C ALA D 187 -16.46 -22.58 33.45
N SER D 188 -15.14 -22.54 33.33
CA SER D 188 -14.24 -22.54 34.46
C SER D 188 -12.92 -21.95 34.09
N GLN D 189 -12.12 -21.66 35.10
CA GLN D 189 -10.79 -21.09 34.88
C GLN D 189 -9.87 -21.46 36.03
N SER D 190 -8.57 -21.26 35.83
CA SER D 190 -7.59 -21.50 36.88
C SER D 190 -6.33 -20.73 36.57
N ARG D 191 -5.59 -20.40 37.62
CA ARG D 191 -4.38 -19.60 37.52
C ARG D 191 -3.20 -20.37 38.13
N SER D 192 -2.12 -20.47 37.35
CA SER D 192 -0.90 -21.17 37.76
C SER D 192 -0.18 -20.38 38.82
N LYS D 193 0.80 -21.02 39.45
CA LYS D 193 1.78 -20.34 40.27
C LYS D 193 2.65 -19.47 39.34
N GLN D 194 3.45 -18.57 39.88
CA GLN D 194 4.34 -17.77 39.06
C GLN D 194 5.27 -18.69 38.31
N MET D 195 5.31 -18.55 36.99
CA MET D 195 6.24 -19.30 36.14
C MET D 195 7.60 -18.62 35.97
N PHE D 196 7.58 -17.32 35.66
CA PHE D 196 8.78 -16.54 35.42
C PHE D 196 8.73 -15.20 36.16
N SER D 197 9.90 -14.62 36.48
CA SER D 197 9.95 -13.29 37.05
C SER D 197 9.78 -12.34 35.90
N VAL D 198 8.69 -11.59 35.96
CA VAL D 198 8.47 -10.59 34.93
C VAL D 198 9.63 -9.59 34.88
N LYS D 199 10.11 -9.16 36.04
CA LYS D 199 11.16 -8.15 36.10
C LYS D 199 12.51 -8.70 35.71
N ASP D 200 12.83 -9.90 36.17
CA ASP D 200 14.20 -10.39 36.09
C ASP D 200 14.43 -11.36 34.93
N ASP D 201 13.39 -11.99 34.42
CA ASP D 201 13.57 -12.92 33.30
C ASP D 201 12.37 -13.01 32.37
N PRO D 202 11.98 -11.86 31.75
CA PRO D 202 10.74 -11.90 30.98
C PRO D 202 10.83 -12.89 29.85
N ILE D 203 9.73 -13.60 29.57
CA ILE D 203 9.65 -14.52 28.46
C ILE D 203 9.05 -13.90 27.19
N PHE D 204 9.46 -14.46 26.06
CA PHE D 204 8.80 -14.20 24.76
C PHE D 204 7.46 -14.90 24.81
N ILE D 205 6.44 -14.29 24.22
CA ILE D 205 5.12 -14.89 24.30
C ILE D 205 4.90 -16.10 23.38
N ALA D 206 5.72 -16.26 22.34
CA ALA D 206 5.53 -17.33 21.37
C ALA D 206 5.77 -18.67 22.05
N PRO D 207 4.75 -19.55 22.11
CA PRO D 207 4.95 -20.86 22.70
C PRO D 207 5.64 -21.80 21.75
N ALA D 208 6.44 -22.69 22.31
CA ALA D 208 6.81 -23.90 21.63
C ALA D 208 5.84 -24.93 22.15
N LEU D 209 4.82 -25.23 21.34
CA LEU D 209 3.58 -25.82 21.84
C LEU D 209 3.56 -27.30 21.54
N ASP D 210 3.44 -28.08 22.61
CA ASP D 210 3.26 -29.50 22.48
C ASP D 210 1.78 -29.82 22.75
N LYS D 211 1.41 -31.09 22.66
CA LYS D 211 0.03 -31.48 22.87
C LYS D 211 -0.47 -31.25 24.30
N ASP D 212 0.40 -31.45 25.29
CA ASP D 212 0.00 -31.28 26.71
C ASP D 212 0.95 -30.40 27.53
N LYS D 213 1.88 -29.74 26.85
CA LYS D 213 2.74 -28.78 27.49
C LYS D 213 3.18 -27.72 26.49
N ALA D 214 3.71 -26.63 27.02
CA ALA D 214 4.27 -25.57 26.20
C ALA D 214 5.56 -25.11 26.85
N HIS D 215 6.52 -24.73 26.01
CA HIS D 215 7.77 -24.14 26.45
C HIS D 215 7.86 -22.71 25.95
N PHE D 216 8.54 -21.89 26.72
CA PHE D 216 8.74 -20.48 26.40
C PHE D 216 10.19 -20.14 26.69
N VAL D 217 10.79 -19.33 25.82
CA VAL D 217 12.14 -18.86 26.03
C VAL D 217 12.13 -17.44 26.55
N SER D 218 13.19 -17.05 27.26
CA SER D 218 13.27 -15.78 27.91
C SER D 218 14.25 -14.85 27.21
N TYR D 219 14.20 -13.58 27.58
CA TYR D 219 15.10 -12.58 27.01
C TYR D 219 16.58 -12.93 27.23
N TYR D 220 16.87 -13.73 28.27
CA TYR D 220 18.25 -14.06 28.65
C TYR D 220 18.63 -15.50 28.32
N GLY D 221 17.78 -16.17 27.57
CA GLY D 221 18.07 -17.50 27.02
C GLY D 221 17.71 -18.66 27.92
N ASN D 222 16.81 -18.40 28.87
CA ASN D 222 16.27 -19.45 29.73
C ASN D 222 15.02 -20.03 29.13
N VAL D 223 14.68 -21.25 29.53
CA VAL D 223 13.48 -21.91 29.09
C VAL D 223 12.54 -22.20 30.27
N TYR D 224 11.27 -21.85 30.08
CA TYR D 224 10.21 -22.14 31.07
C TYR D 224 9.18 -23.07 30.44
N SER D 225 8.53 -23.87 31.28
CA SER D 225 7.63 -24.91 30.81
C SER D 225 6.30 -24.87 31.55
N ALA D 226 5.20 -25.13 30.83
CA ALA D 226 3.87 -25.22 31.41
C ALA D 226 3.29 -26.55 31.01
N ASP D 227 3.05 -27.40 32.00
CA ASP D 227 2.49 -28.69 31.72
C ASP D 227 1.01 -28.63 32.06
N PHE D 228 0.18 -28.86 31.06
CA PHE D 228 -1.27 -28.80 31.26
C PHE D 228 -1.86 -30.16 30.98
N SER D 229 -1.08 -31.22 31.25
CA SER D 229 -1.62 -32.59 31.15
C SER D 229 -2.75 -32.87 32.16
N GLY D 230 -2.78 -32.14 33.27
CA GLY D 230 -3.87 -32.24 34.24
C GLY D 230 -4.72 -30.98 34.24
N ASP D 231 -5.78 -30.96 35.04
CA ASP D 231 -6.67 -29.79 35.08
C ASP D 231 -5.96 -28.53 35.56
N GLU D 232 -4.99 -28.68 36.46
CA GLU D 232 -4.20 -27.54 36.90
C GLU D 232 -2.85 -27.50 36.17
N VAL D 233 -2.44 -26.31 35.71
CA VAL D 233 -1.18 -26.18 34.99
C VAL D 233 -0.03 -26.14 35.98
N LYS D 234 0.97 -26.97 35.74
CA LYS D 234 2.19 -27.01 36.56
C LYS D 234 3.35 -26.34 35.83
N VAL D 235 4.00 -25.38 36.49
CA VAL D 235 5.02 -24.57 35.83
C VAL D 235 6.40 -24.89 36.39
N ASP D 236 7.42 -24.74 35.56
CA ASP D 236 8.79 -24.96 35.96
C ASP D 236 9.76 -24.12 35.13
N GLY D 237 11.02 -24.13 35.56
CA GLY D 237 12.09 -23.39 34.93
C GLY D 237 12.64 -22.34 35.87
N PRO D 238 13.76 -21.70 35.50
CA PRO D 238 14.40 -21.88 34.19
C PRO D 238 15.37 -23.03 34.05
N TRP D 239 15.54 -23.52 32.83
CA TRP D 239 16.81 -24.07 32.40
C TRP D 239 17.40 -23.25 31.29
N SER D 240 18.73 -23.23 31.18
CA SER D 240 19.39 -22.41 30.17
C SER D 240 19.55 -23.11 28.82
N LEU D 241 19.35 -22.34 27.74
CA LEU D 241 19.69 -22.82 26.41
C LEU D 241 21.20 -22.81 26.19
N LEU D 242 21.94 -22.20 27.11
CA LEU D 242 23.32 -21.76 26.88
C LEU D 242 24.35 -22.58 27.66
N ASN D 243 25.41 -22.98 26.97
CA ASN D 243 26.61 -23.54 27.65
C ASN D 243 27.58 -22.39 27.99
N ASP D 244 28.74 -22.69 28.58
CA ASP D 244 29.64 -21.62 29.02
C ASP D 244 30.16 -20.81 27.83
N GLU D 245 30.41 -21.51 26.74
CA GLU D 245 30.92 -20.86 25.53
C GLU D 245 29.85 -19.89 25.02
N ASP D 246 28.64 -20.42 24.91
CA ASP D 246 27.46 -19.61 24.53
C ASP D 246 27.33 -18.37 25.40
N LYS D 247 27.37 -18.58 26.72
CA LYS D 247 27.28 -17.48 27.68
C LYS D 247 28.41 -16.48 27.53
N ALA D 248 29.64 -16.97 27.29
CA ALA D 248 30.79 -16.07 27.14
C ALA D 248 30.62 -15.11 25.95
N LYS D 249 29.92 -15.57 24.91
CA LYS D 249 29.63 -14.76 23.73
C LYS D 249 28.24 -14.08 23.78
N ASN D 250 27.57 -14.17 24.92
CA ASN D 250 26.30 -13.50 25.16
C ASN D 250 25.19 -13.82 24.17
N TRP D 251 25.12 -15.09 23.76
CA TRP D 251 24.02 -15.55 22.92
C TRP D 251 22.65 -15.50 23.65
N VAL D 252 21.65 -14.92 22.99
CA VAL D 252 20.28 -14.87 23.54
C VAL D 252 19.31 -15.07 22.38
N PRO D 253 18.05 -15.44 22.68
CA PRO D 253 17.04 -15.51 21.61
C PRO D 253 16.68 -14.14 21.06
N GLY D 254 16.19 -14.12 19.82
CA GLY D 254 15.58 -12.91 19.29
C GLY D 254 14.67 -13.25 18.14
N GLY D 255 13.58 -12.46 18.00
CA GLY D 255 12.67 -12.63 16.88
C GLY D 255 11.27 -12.32 17.36
N TYR D 256 10.30 -12.79 16.61
CA TYR D 256 8.88 -12.55 16.85
C TYR D 256 8.20 -13.87 17.12
N ASN D 257 7.76 -14.58 16.08
CA ASN D 257 7.26 -15.96 16.22
C ASN D 257 8.53 -16.82 16.17
N LEU D 258 9.29 -16.78 17.26
CA LEU D 258 10.73 -17.12 17.20
C LEU D 258 11.04 -18.56 17.60
N VAL D 259 10.03 -19.32 18.03
CA VAL D 259 10.27 -20.71 18.45
C VAL D 259 9.29 -21.64 17.79
N GLY D 260 9.63 -22.92 17.81
CA GLY D 260 8.82 -23.95 17.22
C GLY D 260 9.13 -25.25 17.95
N LEU D 261 8.20 -26.17 17.90
CA LEU D 261 8.39 -27.47 18.52
C LEU D 261 8.01 -28.53 17.50
N HIS D 262 8.93 -29.46 17.29
CA HIS D 262 8.61 -30.64 16.54
C HIS D 262 8.15 -31.67 17.60
N ARG D 263 6.85 -31.96 17.62
CA ARG D 263 6.24 -32.65 18.74
C ARG D 263 6.71 -34.08 18.83
N ALA D 264 6.85 -34.79 17.70
CA ALA D 264 7.22 -36.20 17.74
C ALA D 264 8.60 -36.45 18.32
N SER D 265 9.53 -35.54 18.08
CA SER D 265 10.91 -35.67 18.58
C SER D 265 11.20 -34.89 19.85
N GLY D 266 10.35 -33.90 20.17
CA GLY D 266 10.62 -32.96 21.25
C GLY D 266 11.68 -31.92 20.99
N ARG D 267 12.11 -31.80 19.73
CA ARG D 267 13.10 -30.80 19.35
C ARG D 267 12.46 -29.42 19.35
N MET D 268 13.09 -28.46 20.00
CA MET D 268 12.60 -27.09 19.97
C MET D 268 13.58 -26.25 19.14
N TYR D 269 13.01 -25.40 18.28
CA TYR D 269 13.74 -24.56 17.34
C TYR D 269 13.66 -23.13 17.85
N VAL D 270 14.78 -22.41 17.82
CA VAL D 270 14.85 -21.10 18.42
C VAL D 270 15.83 -20.24 17.66
N PHE D 271 15.40 -19.06 17.28
CA PHE D 271 16.32 -18.10 16.69
C PHE D 271 17.19 -17.46 17.75
N MET D 272 18.51 -17.45 17.48
CA MET D 272 19.48 -16.92 18.42
C MET D 272 20.47 -15.97 17.77
N HIS D 273 21.02 -15.08 18.58
CA HIS D 273 22.06 -14.18 18.12
C HIS D 273 23.08 -13.88 19.23
N PRO D 274 24.35 -13.64 18.86
CA PRO D 274 25.37 -13.30 19.85
C PRO D 274 25.31 -11.86 20.34
N ASP D 275 26.13 -11.52 21.33
CA ASP D 275 26.26 -10.15 21.80
C ASP D 275 24.94 -9.54 22.28
N GLY D 276 24.17 -10.36 22.99
CA GLY D 276 22.90 -9.90 23.57
C GLY D 276 23.11 -8.88 24.64
N LYS D 277 22.15 -7.98 24.75
CA LYS D 277 22.13 -6.95 25.78
C LYS D 277 20.71 -6.35 25.71
N GLU D 278 20.41 -5.45 26.64
CA GLU D 278 19.10 -4.83 26.66
C GLU D 278 18.83 -4.24 25.28
N GLY D 279 17.70 -4.63 24.68
CA GLY D 279 17.29 -4.05 23.41
C GLY D 279 17.49 -4.92 22.19
N THR D 280 17.99 -6.15 22.34
CA THR D 280 18.29 -7.01 21.19
C THR D 280 17.30 -8.13 21.01
N HIS D 281 16.18 -8.10 21.74
CA HIS D 281 15.27 -9.23 21.73
C HIS D 281 14.47 -9.49 20.45
N LYS D 282 14.47 -8.52 19.54
CA LYS D 282 13.81 -8.69 18.24
C LYS D 282 14.84 -8.69 17.07
N PHE D 283 16.12 -8.83 17.41
CA PHE D 283 17.15 -8.97 16.36
C PHE D 283 16.95 -10.23 15.50
N PRO D 284 17.22 -10.11 14.20
CA PRO D 284 17.25 -11.27 13.33
C PRO D 284 18.17 -12.40 13.79
N ALA D 285 17.85 -13.61 13.39
CA ALA D 285 18.60 -14.82 13.78
C ALA D 285 19.97 -14.84 13.12
N ALA D 286 21.01 -14.89 13.93
CA ALA D 286 22.34 -15.24 13.43
C ALA D 286 22.34 -16.73 13.17
N GLU D 287 21.67 -17.48 14.05
CA GLU D 287 21.56 -18.91 13.90
C GLU D 287 20.20 -19.41 14.35
N ILE D 288 19.86 -20.60 13.88
CA ILE D 288 18.76 -21.37 14.47
C ILE D 288 19.39 -22.49 15.30
N TRP D 289 19.02 -22.54 16.57
CA TRP D 289 19.43 -23.65 17.43
C TRP D 289 18.31 -24.65 17.54
N VAL D 290 18.70 -25.93 17.62
CA VAL D 290 17.78 -27.01 17.73
C VAL D 290 18.09 -27.69 19.06
N MET D 291 17.11 -27.69 19.95
CA MET D 291 17.29 -28.13 21.34
C MET D 291 16.47 -29.40 21.54
N ASP D 292 17.07 -30.41 22.19
CA ASP D 292 16.31 -31.57 22.65
C ASP D 292 15.71 -31.19 24.00
N THR D 293 14.39 -31.06 24.06
CA THR D 293 13.76 -30.56 25.28
C THR D 293 13.71 -31.62 26.38
N LYS D 294 13.95 -32.88 26.02
CA LYS D 294 14.09 -33.97 27.01
C LYS D 294 15.48 -33.92 27.68
N THR D 295 16.54 -33.87 26.88
CA THR D 295 17.91 -33.82 27.43
C THR D 295 18.39 -32.43 27.83
N LYS D 296 17.69 -31.39 27.36
CA LYS D 296 18.03 -29.99 27.69
C LYS D 296 19.41 -29.55 27.15
N GLN D 297 19.80 -30.14 26.03
CA GLN D 297 21.03 -29.83 25.33
C GLN D 297 20.72 -29.47 23.88
N ARG D 298 21.55 -28.62 23.31
CA ARG D 298 21.49 -28.29 21.88
C ARG D 298 21.98 -29.46 21.04
N VAL D 299 21.24 -29.82 20.01
CA VAL D 299 21.65 -30.89 19.10
C VAL D 299 22.07 -30.42 17.70
N ALA D 300 21.76 -29.17 17.35
CA ALA D 300 22.24 -28.61 16.10
C ALA D 300 22.18 -27.10 16.17
N ARG D 301 22.99 -26.49 15.30
CA ARG D 301 23.00 -25.06 15.09
C ARG D 301 23.32 -24.85 13.62
N ILE D 302 22.57 -23.96 12.99
CA ILE D 302 22.72 -23.67 11.57
C ILE D 302 22.54 -22.19 11.32
N PRO D 303 23.02 -21.68 10.19
CA PRO D 303 22.86 -20.25 9.87
C PRO D 303 21.38 -19.80 9.91
N GLY D 304 21.14 -18.62 10.45
CA GLY D 304 19.78 -18.12 10.63
C GLY D 304 19.15 -17.44 9.45
N ARG D 305 19.95 -17.03 8.45
CA ARG D 305 19.43 -16.34 7.27
C ARG D 305 18.61 -15.13 7.67
N ASP D 306 19.02 -14.51 8.77
CA ASP D 306 18.37 -13.31 9.30
C ASP D 306 16.87 -13.50 9.54
N ALA D 307 16.47 -14.73 9.84
CA ALA D 307 15.05 -15.01 10.07
C ALA D 307 14.57 -14.39 11.38
N LEU D 308 13.26 -14.06 11.37
CA LEU D 308 12.58 -13.43 12.51
C LEU D 308 11.41 -14.26 13.07
N SER D 309 10.75 -15.00 12.18
CA SER D 309 9.58 -15.82 12.50
C SER D 309 9.68 -17.17 11.81
N MET D 310 9.03 -18.15 12.41
CA MET D 310 8.99 -19.49 11.87
C MET D 310 7.63 -20.13 12.09
N THR D 311 7.44 -21.29 11.49
CA THR D 311 6.32 -22.18 11.80
C THR D 311 6.76 -23.60 11.47
N ILE D 312 6.16 -24.56 12.18
CA ILE D 312 6.50 -25.95 12.05
C ILE D 312 5.29 -26.70 11.52
N ASP D 313 5.52 -27.64 10.62
CA ASP D 313 4.49 -28.57 10.17
C ASP D 313 4.81 -29.95 10.70
N GLN D 314 3.94 -30.45 11.58
CA GLN D 314 4.18 -31.74 12.24
C GLN D 314 3.95 -32.85 11.25
N GLN D 315 3.07 -32.63 10.29
CA GLN D 315 2.65 -33.69 9.40
C GLN D 315 3.62 -33.97 8.25
N ARG D 316 4.39 -32.96 7.84
CA ARG D 316 5.40 -33.17 6.80
C ARG D 316 6.82 -32.96 7.32
N ASN D 317 6.96 -32.71 8.62
CA ASN D 317 8.27 -32.54 9.25
C ASN D 317 9.09 -31.43 8.59
N LEU D 318 8.46 -30.26 8.55
CA LEU D 318 9.04 -29.06 7.90
C LEU D 318 9.07 -27.90 8.89
N MET D 319 9.98 -26.98 8.64
CA MET D 319 10.03 -25.69 9.31
C MET D 319 10.14 -24.65 8.21
N LEU D 320 9.31 -23.61 8.33
CA LEU D 320 9.47 -22.43 7.50
C LEU D 320 10.09 -21.35 8.32
N THR D 321 10.99 -20.58 7.73
CA THR D 321 11.44 -19.38 8.42
C THR D 321 11.23 -18.21 7.48
N LEU D 322 11.21 -17.03 8.09
CA LEU D 322 10.77 -15.82 7.40
C LEU D 322 11.56 -14.64 7.91
N ASP D 323 12.18 -13.89 7.00
CA ASP D 323 13.07 -12.75 7.39
C ASP D 323 12.39 -11.37 7.25
N GLY D 324 11.11 -11.40 6.93
CA GLY D 324 10.31 -10.22 6.65
C GLY D 324 9.82 -10.19 5.23
N GLY D 325 10.58 -10.80 4.32
CA GLY D 325 10.28 -10.78 2.88
C GLY D 325 10.40 -12.11 2.16
N ASN D 326 11.29 -12.95 2.67
CA ASN D 326 11.62 -14.21 2.00
C ASN D 326 11.34 -15.39 2.94
N VAL D 327 10.87 -16.48 2.37
CA VAL D 327 10.50 -17.68 3.12
C VAL D 327 11.48 -18.82 2.77
N ASN D 328 12.09 -19.37 3.81
CA ASN D 328 12.98 -20.50 3.68
C ASN D 328 12.25 -21.74 4.11
N VAL D 329 12.42 -22.82 3.35
CA VAL D 329 11.79 -24.08 3.60
C VAL D 329 12.87 -25.08 4.03
N TYR D 330 12.68 -25.68 5.21
CA TYR D 330 13.62 -26.65 5.77
C TYR D 330 12.95 -27.99 6.04
N ASP D 331 13.68 -29.05 5.73
CA ASP D 331 13.35 -30.41 6.15
C ASP D 331 13.90 -30.57 7.56
N ILE D 332 13.03 -30.91 8.52
CA ILE D 332 13.47 -31.10 9.90
C ILE D 332 13.20 -32.53 10.39
N SER D 333 13.16 -33.46 9.47
CA SER D 333 13.00 -34.88 9.80
C SER D 333 14.22 -35.47 10.54
N GLN D 334 15.37 -34.79 10.50
CA GLN D 334 16.55 -35.11 11.30
C GLN D 334 16.93 -33.95 12.21
N PRO D 335 17.72 -34.21 13.27
CA PRO D 335 18.18 -33.15 14.16
C PRO D 335 18.75 -31.91 13.46
N GLU D 336 19.57 -32.11 12.42
CA GLU D 336 20.05 -31.00 11.65
C GLU D 336 19.06 -30.68 10.52
N PRO D 337 18.49 -29.46 10.54
CA PRO D 337 17.64 -29.05 9.45
C PRO D 337 18.42 -28.96 8.14
N LYS D 338 17.69 -29.23 7.04
CA LYS D 338 18.24 -29.14 5.69
C LYS D 338 17.42 -28.15 4.88
N LEU D 339 18.10 -27.17 4.33
CA LEU D 339 17.46 -26.12 3.56
C LEU D 339 17.11 -26.63 2.19
N LEU D 340 15.83 -26.56 1.84
CA LEU D 340 15.33 -27.04 0.56
C LEU D 340 15.26 -25.95 -0.52
N ARG D 341 14.77 -24.79 -0.12
CA ARG D 341 14.69 -23.66 -1.05
C ARG D 341 14.31 -22.40 -0.29
N THR D 342 14.41 -21.29 -1.00
CA THR D 342 14.00 -19.98 -0.49
C THR D 342 13.05 -19.41 -1.51
N ILE D 343 11.95 -18.86 -1.01
CA ILE D 343 10.96 -18.18 -1.84
C ILE D 343 11.26 -16.72 -1.63
N GLU D 344 11.76 -16.06 -2.67
CA GLU D 344 12.16 -14.66 -2.56
C GLU D 344 10.98 -13.74 -2.83
N GLY D 345 10.85 -12.69 -2.04
CA GLY D 345 9.83 -11.69 -2.35
C GLY D 345 8.41 -12.17 -2.07
N ALA D 346 8.25 -13.03 -1.06
CA ALA D 346 6.92 -13.53 -0.69
C ALA D 346 6.05 -12.48 -0.01
N ALA D 347 6.71 -11.45 0.51
CA ALA D 347 6.01 -10.36 1.17
C ALA D 347 6.95 -9.17 1.24
N GLU D 348 6.36 -8.02 1.54
CA GLU D 348 7.11 -6.81 1.80
C GLU D 348 7.40 -6.65 3.28
N ALA D 349 6.47 -7.03 4.15
CA ALA D 349 6.68 -6.85 5.59
C ALA D 349 5.83 -7.87 6.33
N SER D 350 6.33 -9.09 6.35
CA SER D 350 5.61 -10.16 7.03
C SER D 350 6.39 -10.70 8.20
N LEU D 351 5.70 -10.89 9.33
CA LEU D 351 6.29 -11.54 10.49
C LEU D 351 5.59 -12.86 10.82
N GLN D 352 4.82 -13.41 9.86
CA GLN D 352 4.05 -14.61 10.11
C GLN D 352 3.78 -15.40 8.86
N VAL D 353 4.18 -16.67 8.89
CA VAL D 353 3.85 -17.61 7.86
C VAL D 353 3.23 -18.85 8.52
N GLN D 354 2.32 -19.50 7.82
CA GLN D 354 1.56 -20.66 8.34
C GLN D 354 1.31 -21.62 7.20
N PHE D 355 1.40 -22.91 7.47
CA PHE D 355 0.98 -23.92 6.51
C PHE D 355 -0.54 -24.10 6.42
N HIS D 356 -1.03 -24.50 5.25
CA HIS D 356 -2.39 -24.97 5.18
C HIS D 356 -2.43 -26.28 5.95
N PRO D 357 -3.36 -26.43 6.90
CA PRO D 357 -3.37 -27.64 7.71
C PRO D 357 -3.65 -28.87 6.87
N VAL D 358 -2.90 -29.91 7.19
CA VAL D 358 -3.13 -31.22 6.68
C VAL D 358 -3.36 -32.05 7.94
N GLY D 359 -4.43 -32.82 7.94
CA GLY D 359 -4.65 -33.77 9.04
C GLY D 359 -4.79 -33.02 10.34
N GLY D 360 -4.13 -33.48 11.41
CA GLY D 360 -4.18 -32.77 12.70
C GLY D 360 -5.19 -33.22 13.73
N THR D 361 -6.12 -34.10 13.34
CA THR D 361 -7.09 -34.65 14.29
C THR D 361 -6.38 -35.37 15.42
#